data_4I53
#
_entry.id   4I53
#
_cell.length_a   67.450
_cell.length_b   127.670
_cell.length_c   192.900
_cell.angle_alpha   90.00
_cell.angle_beta   90.00
_cell.angle_gamma   90.00
#
_symmetry.space_group_name_H-M   'C 2 2 21'
#
loop_
_entity.id
_entity.type
_entity.pdbx_description
1 polymer 'HIV-1 glycoprotein'
2 non-polymer 'amino({[(1R,2R)-1-({[(4-chloro-3-fluorophenyl)amino](oxo)acetyl}amino)-2,3-dihydro-1H-inden-2-yl]methyl}amino)methanimi nium'
3 non-polymer 2-acetamido-2-deoxy-beta-D-glucopyranose
4 non-polymer 'FORMIC ACID'
5 water water
#
_entity_poly.entity_id   1
_entity_poly.type   'polypeptide(L)'
_entity_poly.pdbx_seq_one_letter_code
;VWKEAKTTLFCASDAKAYEKEVHNVWATHACVPTDPNPQEMVLANVTENFNMWKNDMVEQMHEDIISLWDESLKPCVKLT
GGSAITQACPKVSFDPIPLHYCAPAGFAILKCNNKTFNGTGPCRNVSTVQCTHGIKPVVSTQLLLNGSLAEEEIIIRSEN
LTNNAKTIIVHLNESVNIVCTRPNNGGSGSGGNIRQAHCNINESKWNNTLQKVGEELAKHFPSKTIKFEPSSGGDLEITT
HSFNCRGEFFYCNTSDLFNGTYRNGTYNHTGRSSNGTITLQCKIKQIINMWQEVGRAIYAPPIEGEITCNSNITGLLLLR
DGGQSNETNDTETFRPGGGDMRDNWRSELYKYKVVEIK
;
_entity_poly.pdbx_strand_id   A,B
#
loop_
_chem_comp.id
_chem_comp.type
_chem_comp.name
_chem_comp.formula
1C1 non-polymer 'amino({[(1R,2R)-1-({[(4-chloro-3-fluorophenyl)amino](oxo)acetyl}amino)-2,3-dihydro-1H-inden-2-yl]methyl}amino)methanimi nium' 'C19 H20 Cl F N5 O2 1'
FMT non-polymer 'FORMIC ACID' 'C H2 O2'
NAG D-saccharide, beta linking 2-acetamido-2-deoxy-beta-D-glucopyranose 'C8 H15 N O6'
#
# COMPACT_ATOMS: atom_id res chain seq x y z
N LYS A 6 -17.23 -16.60 22.92
CA LYS A 6 -17.13 -15.23 22.42
C LYS A 6 -16.07 -14.43 23.17
N THR A 7 -15.99 -13.13 22.83
CA THR A 7 -15.00 -12.24 23.43
C THR A 7 -15.32 -10.80 23.05
N THR A 8 -14.40 -9.90 23.37
CA THR A 8 -14.35 -8.55 22.81
C THR A 8 -13.00 -8.28 22.15
N LEU A 9 -12.95 -8.50 20.85
CA LEU A 9 -11.72 -8.28 20.09
C LEU A 9 -11.36 -6.80 20.03
N PHE A 10 -10.07 -6.54 19.80
CA PHE A 10 -9.63 -5.17 19.55
C PHE A 10 -8.92 -5.16 18.21
N CYS A 11 -8.71 -3.96 17.65
CA CYS A 11 -8.08 -3.85 16.34
C CYS A 11 -6.68 -3.26 16.44
N ALA A 12 -5.85 -3.60 15.45
CA ALA A 12 -4.50 -3.06 15.36
C ALA A 12 -4.21 -2.66 13.92
N SER A 13 -3.50 -1.55 13.74
CA SER A 13 -3.17 -1.07 12.39
C SER A 13 -1.89 -0.24 12.40
N ASP A 14 -1.43 0.09 11.20
CA ASP A 14 -0.29 0.96 11.02
C ASP A 14 -0.71 2.40 10.83
N ALA A 15 -1.84 2.76 11.41
CA ALA A 15 -2.39 4.11 11.26
C ALA A 15 -1.37 5.17 11.68
N LYS A 16 -1.16 6.14 10.81
CA LYS A 16 -0.28 7.27 11.12
C LYS A 16 -1.10 8.34 11.83
N ALA A 17 -0.58 8.81 12.97
CA ALA A 17 -1.27 9.84 13.73
C ALA A 17 -1.21 11.21 13.05
N TYR A 18 -0.25 11.35 12.13
CA TYR A 18 -0.09 12.59 11.38
C TYR A 18 -0.94 12.59 10.11
N GLU A 19 -1.62 11.47 9.87
CA GLU A 19 -2.41 11.29 8.67
C GLU A 19 -3.81 11.89 8.83
N LYS A 20 -4.23 12.67 7.85
CA LYS A 20 -5.55 13.27 7.85
C LYS A 20 -6.58 12.28 7.31
N GLU A 21 -6.12 11.37 6.46
CA GLU A 21 -6.99 10.34 5.89
C GLU A 21 -7.83 9.77 7.02
N VAL A 22 -9.13 9.65 6.79
CA VAL A 22 -10.07 9.34 7.87
C VAL A 22 -9.90 7.96 8.49
N HIS A 23 -9.57 6.96 7.68
CA HIS A 23 -9.32 5.63 8.23
C HIS A 23 -8.20 5.71 9.26
N ASN A 24 -7.15 6.47 8.94
CA ASN A 24 -6.03 6.67 9.86
C ASN A 24 -6.47 7.38 11.13
N VAL A 25 -7.28 8.43 10.97
CA VAL A 25 -7.73 9.20 12.11
C VAL A 25 -8.58 8.35 13.06
N TRP A 26 -9.41 7.47 12.50
CA TRP A 26 -10.24 6.60 13.31
C TRP A 26 -9.42 5.51 14.00
N ALA A 27 -8.53 4.87 13.24
CA ALA A 27 -7.76 3.75 13.76
C ALA A 27 -6.79 4.19 14.86
N THR A 28 -6.21 5.38 14.70
CA THR A 28 -5.28 5.89 15.68
C THR A 28 -5.90 5.97 17.08
N HIS A 29 -7.17 6.34 17.15
CA HIS A 29 -7.83 6.50 18.44
C HIS A 29 -8.63 5.26 18.86
N ALA A 30 -9.00 4.44 17.88
CA ALA A 30 -9.84 3.28 18.15
C ALA A 30 -9.05 1.98 18.20
N CYS A 31 -7.83 2.00 17.67
CA CYS A 31 -7.04 0.78 17.53
C CYS A 31 -5.70 0.84 18.23
N VAL A 32 -5.01 -0.29 18.20
CA VAL A 32 -3.67 -0.41 18.77
C VAL A 32 -2.67 -0.62 17.63
N PRO A 33 -1.41 -0.18 17.83
CA PRO A 33 -0.38 -0.43 16.82
C PRO A 33 -0.17 -1.91 16.59
N THR A 34 -0.16 -2.33 15.32
CA THR A 34 0.04 -3.73 15.00
C THR A 34 1.41 -4.20 15.50
N ASP A 35 1.63 -5.50 15.55
CA ASP A 35 2.95 -6.03 15.89
C ASP A 35 3.79 -6.16 14.62
N PRO A 36 5.02 -5.59 14.64
CA PRO A 36 5.91 -5.53 13.48
C PRO A 36 6.27 -6.91 12.95
N ASN A 37 6.32 -7.90 13.83
CA ASN A 37 6.64 -9.27 13.44
C ASN A 37 5.76 -10.29 14.12
N PRO A 38 4.54 -10.47 13.60
CA PRO A 38 3.58 -11.42 14.16
C PRO A 38 3.96 -12.86 13.85
N GLN A 39 3.90 -13.72 14.86
CA GLN A 39 4.22 -15.14 14.68
C GLN A 39 2.91 -15.88 14.83
N GLU A 40 2.79 -17.02 14.15
CA GLU A 40 1.67 -17.93 14.32
C GLU A 40 2.10 -19.23 14.98
N MET A 41 1.19 -19.97 15.57
CA MET A 41 1.55 -21.18 16.26
C MET A 41 0.94 -22.36 15.59
N VAL A 42 1.64 -22.92 14.63
CA VAL A 42 1.24 -24.07 13.83
C VAL A 42 0.89 -25.25 14.74
N LEU A 43 -0.06 -26.07 14.31
CA LEU A 43 -0.50 -27.21 15.11
C LEU A 43 -0.79 -28.44 14.25
N ALA A 44 -0.22 -29.57 14.65
CA ALA A 44 -0.46 -30.84 13.96
C ALA A 44 -1.40 -31.72 14.79
N ASN A 45 -1.92 -32.77 14.16
CA ASN A 45 -2.84 -33.68 14.83
C ASN A 45 -4.11 -32.98 15.32
N VAL A 46 -4.32 -31.75 14.85
CA VAL A 46 -5.52 -31.00 15.22
C VAL A 46 -6.36 -30.70 13.98
N THR A 47 -7.63 -30.74 14.12
CA THR A 47 -8.56 -30.40 13.04
C THR A 47 -9.67 -29.70 13.82
N GLU A 48 -10.20 -28.61 13.25
CA GLU A 48 -11.24 -27.83 13.90
C GLU A 48 -12.27 -27.55 12.81
N ASN A 49 -13.49 -27.21 13.24
CA ASN A 49 -14.55 -26.85 12.31
C ASN A 49 -14.79 -25.35 12.31
N PHE A 50 -14.91 -24.79 11.10
CA PHE A 50 -15.16 -23.36 10.95
C PHE A 50 -16.50 -23.13 10.26
N ASN A 51 -17.10 -21.97 10.54
CA ASN A 51 -18.30 -21.55 9.82
C ASN A 51 -18.26 -20.06 9.54
N MET A 52 -17.74 -19.70 8.38
CA MET A 52 -17.61 -18.31 7.98
C MET A 52 -18.96 -17.58 8.05
N TRP A 53 -20.04 -18.34 7.93
CA TRP A 53 -21.37 -17.76 7.86
C TRP A 53 -21.96 -17.48 9.25
N LYS A 54 -21.33 -18.06 10.27
CA LYS A 54 -21.77 -17.88 11.65
C LYS A 54 -20.58 -17.51 12.54
N ASN A 55 -19.91 -16.43 12.17
CA ASN A 55 -18.71 -15.98 12.87
C ASN A 55 -18.97 -14.62 13.52
N ASP A 56 -18.77 -14.54 14.84
CA ASP A 56 -19.01 -13.30 15.57
C ASP A 56 -17.98 -12.23 15.22
N MET A 57 -16.81 -12.66 14.74
CA MET A 57 -15.77 -11.72 14.32
C MET A 57 -16.31 -10.78 13.26
N VAL A 58 -17.18 -11.30 12.40
CA VAL A 58 -17.75 -10.52 11.31
C VAL A 58 -18.59 -9.37 11.83
N GLU A 59 -19.41 -9.64 12.84
CA GLU A 59 -20.27 -8.62 13.39
C GLU A 59 -19.50 -7.53 14.12
N GLN A 60 -18.40 -7.90 14.76
CA GLN A 60 -17.57 -6.93 15.45
C GLN A 60 -16.90 -5.98 14.46
N MET A 61 -16.35 -6.52 13.38
CA MET A 61 -15.75 -5.69 12.35
C MET A 61 -16.81 -4.82 11.70
N HIS A 62 -17.96 -5.41 11.42
CA HIS A 62 -19.08 -4.69 10.86
C HIS A 62 -19.41 -3.46 11.69
N GLU A 63 -19.45 -3.63 13.00
CA GLU A 63 -19.71 -2.55 13.93
C GLU A 63 -18.64 -1.49 14.00
N ASP A 64 -17.39 -1.87 13.86
CA ASP A 64 -16.28 -0.92 13.79
C ASP A 64 -16.35 -0.07 12.54
N ILE A 65 -16.58 -0.71 11.40
CA ILE A 65 -16.64 -0.01 10.12
C ILE A 65 -17.81 0.97 10.12
N ILE A 66 -18.91 0.58 10.77
CA ILE A 66 -20.05 1.46 10.90
C ILE A 66 -19.69 2.71 11.71
N SER A 67 -18.97 2.53 12.81
CA SER A 67 -18.55 3.67 13.61
C SER A 67 -17.44 4.44 12.92
N LEU A 68 -16.60 3.73 12.17
CA LEU A 68 -15.56 4.36 11.36
C LEU A 68 -16.16 5.28 10.30
N TRP A 69 -17.18 4.79 9.59
CA TRP A 69 -17.89 5.61 8.61
C TRP A 69 -18.68 6.73 9.29
N ASP A 70 -19.32 6.41 10.41
CA ASP A 70 -20.12 7.37 11.16
C ASP A 70 -19.29 8.59 11.54
N GLU A 71 -18.03 8.35 11.93
CA GLU A 71 -17.13 9.42 12.31
C GLU A 71 -16.46 10.07 11.10
N SER A 72 -16.28 9.28 10.04
CA SER A 72 -15.49 9.72 8.89
C SER A 72 -16.33 10.40 7.80
N LEU A 73 -17.38 9.71 7.35
CA LEU A 73 -18.22 10.22 6.27
C LEU A 73 -19.50 10.84 6.80
N LYS A 74 -19.49 12.16 6.93
CA LYS A 74 -20.65 12.90 7.41
C LYS A 74 -21.55 13.33 6.27
N PRO A 75 -22.75 12.73 6.17
CA PRO A 75 -23.72 13.14 5.17
C PRO A 75 -24.39 14.45 5.56
N CYS A 76 -24.61 15.32 4.59
CA CYS A 76 -25.31 16.56 4.83
C CYS A 76 -26.64 16.27 5.52
N VAL A 77 -27.40 15.35 4.92
CA VAL A 77 -28.69 14.99 5.47
C VAL A 77 -28.75 13.49 5.70
N LYS A 78 -29.51 13.09 6.70
CA LYS A 78 -29.70 11.67 6.98
C LYS A 78 -31.16 11.40 7.32
N LEU A 79 -31.87 10.74 6.41
CA LEU A 79 -33.27 10.49 6.52
C LEU A 79 -33.65 9.07 6.89
N THR A 80 -34.50 8.97 7.92
CA THR A 80 -34.97 7.69 8.40
C THR A 80 -36.50 7.68 8.53
N GLY A 81 -37.17 7.57 7.38
CA GLY A 81 -38.63 7.55 7.37
C GLY A 81 -39.23 8.93 7.22
N GLY A 82 -39.56 9.55 8.34
CA GLY A 82 -40.14 10.88 8.35
C GLY A 82 -39.30 11.88 9.11
N SER A 83 -38.23 11.40 9.72
CA SER A 83 -37.33 12.26 10.49
C SER A 83 -35.99 12.45 9.78
N ALA A 84 -35.47 13.67 9.83
CA ALA A 84 -34.25 14.02 9.13
C ALA A 84 -33.24 14.71 10.03
N ILE A 85 -32.00 14.28 9.95
CA ILE A 85 -30.91 14.93 10.69
C ILE A 85 -29.95 15.57 9.70
N THR A 86 -29.59 16.82 9.95
CA THR A 86 -28.61 17.50 9.11
C THR A 86 -27.38 17.89 9.92
N GLN A 87 -26.29 18.21 9.23
CA GLN A 87 -25.03 18.57 9.86
C GLN A 87 -24.06 19.03 8.79
N ALA A 88 -22.88 19.43 9.24
CA ALA A 88 -21.76 19.72 8.35
C ALA A 88 -21.29 18.42 7.69
N CYS A 89 -21.02 18.48 6.40
CA CYS A 89 -20.59 17.30 5.65
C CYS A 89 -19.41 17.66 4.77
N PRO A 90 -18.27 17.93 5.40
CA PRO A 90 -17.05 18.32 4.68
C PRO A 90 -16.52 17.16 3.85
N LYS A 91 -15.93 17.46 2.70
CA LYS A 91 -15.27 16.43 1.92
C LYS A 91 -14.00 16.02 2.66
N VAL A 92 -13.61 14.77 2.55
CA VAL A 92 -12.47 14.28 3.31
C VAL A 92 -11.46 13.48 2.48
N SER A 93 -10.33 13.17 3.12
CA SER A 93 -9.36 12.25 2.55
C SER A 93 -9.78 10.86 2.97
N PHE A 94 -10.14 10.02 1.99
CA PHE A 94 -10.70 8.71 2.26
C PHE A 94 -10.00 7.64 1.42
N ASP A 95 -9.38 6.70 2.12
CA ASP A 95 -8.65 5.62 1.45
C ASP A 95 -8.38 4.58 2.53
N PRO A 96 -9.05 3.43 2.43
CA PRO A 96 -8.99 2.37 3.44
C PRO A 96 -7.57 1.88 3.72
N ILE A 97 -7.31 1.54 4.98
CA ILE A 97 -6.06 0.91 5.38
C ILE A 97 -6.39 -0.46 5.98
N PRO A 98 -5.42 -1.38 5.96
CA PRO A 98 -5.60 -2.71 6.53
C PRO A 98 -5.86 -2.65 8.04
N LEU A 99 -6.87 -3.39 8.50
CA LEU A 99 -7.16 -3.48 9.92
C LEU A 99 -6.92 -4.91 10.40
N HIS A 100 -6.30 -5.04 11.57
CA HIS A 100 -6.07 -6.35 12.17
C HIS A 100 -7.00 -6.54 13.36
N TYR A 101 -7.55 -7.75 13.50
CA TYR A 101 -8.39 -8.04 14.65
C TYR A 101 -7.74 -9.07 15.59
N CYS A 102 -7.63 -8.69 16.86
CA CYS A 102 -6.86 -9.46 17.82
C CYS A 102 -7.72 -9.94 18.99
N ALA A 103 -7.41 -11.12 19.51
CA ALA A 103 -8.08 -11.65 20.68
C ALA A 103 -7.38 -11.20 21.95
N PRO A 104 -8.16 -10.76 22.95
CA PRO A 104 -7.60 -10.25 24.21
C PRO A 104 -6.97 -11.36 25.06
N ALA A 105 -6.27 -10.97 26.12
CA ALA A 105 -5.64 -11.93 27.02
C ALA A 105 -6.68 -12.93 27.54
N GLY A 106 -6.38 -14.21 27.41
CA GLY A 106 -7.29 -15.26 27.82
C GLY A 106 -7.95 -15.95 26.64
N PHE A 107 -7.74 -15.38 25.45
CA PHE A 107 -8.30 -15.95 24.23
C PHE A 107 -7.25 -15.95 23.11
N ALA A 108 -7.55 -16.68 22.04
CA ALA A 108 -6.68 -16.69 20.88
C ALA A 108 -7.53 -16.72 19.61
N ILE A 109 -6.87 -16.84 18.46
CA ILE A 109 -7.57 -16.90 17.18
C ILE A 109 -7.09 -18.08 16.35
N LEU A 110 -7.98 -19.03 16.12
CA LEU A 110 -7.67 -20.18 15.28
C LEU A 110 -7.60 -19.76 13.82
N LYS A 111 -6.63 -20.30 13.09
CA LYS A 111 -6.41 -19.95 11.70
C LYS A 111 -6.31 -21.19 10.83
N CYS A 112 -7.31 -21.40 9.98
CA CYS A 112 -7.30 -22.52 9.05
C CYS A 112 -6.28 -22.28 7.95
N ASN A 113 -5.45 -23.28 7.69
CA ASN A 113 -4.39 -23.17 6.69
C ASN A 113 -4.66 -24.00 5.44
N ASN A 114 -5.78 -24.71 5.44
CA ASN A 114 -6.20 -25.46 4.26
C ASN A 114 -6.54 -24.47 3.14
N LYS A 115 -5.62 -24.35 2.18
CA LYS A 115 -5.72 -23.33 1.13
C LYS A 115 -6.89 -23.55 0.18
N THR A 116 -7.65 -24.62 0.40
CA THR A 116 -8.82 -24.89 -0.42
C THR A 116 -10.09 -24.90 0.43
N PHE A 117 -9.92 -24.68 1.73
CA PHE A 117 -11.05 -24.61 2.65
C PHE A 117 -12.08 -23.59 2.16
N ASN A 118 -13.34 -23.99 2.12
CA ASN A 118 -14.40 -23.13 1.58
C ASN A 118 -15.23 -22.41 2.63
N GLY A 119 -14.70 -22.28 3.84
CA GLY A 119 -15.36 -21.50 4.87
C GLY A 119 -16.12 -22.29 5.90
N THR A 120 -16.82 -23.33 5.45
CA THR A 120 -17.61 -24.16 6.36
C THR A 120 -17.11 -25.60 6.38
N GLY A 121 -17.14 -26.22 7.55
CA GLY A 121 -16.76 -27.61 7.68
C GLY A 121 -15.43 -27.83 8.38
N PRO A 122 -14.92 -29.07 8.31
CA PRO A 122 -13.67 -29.50 8.96
C PRO A 122 -12.45 -28.85 8.32
N CYS A 123 -11.50 -28.45 9.16
CA CYS A 123 -10.22 -27.93 8.69
C CYS A 123 -9.09 -28.65 9.40
N ARG A 124 -8.28 -29.39 8.62
CA ARG A 124 -7.21 -30.18 9.20
C ARG A 124 -6.01 -29.31 9.60
N ASN A 125 -5.36 -28.72 8.61
CA ASN A 125 -4.20 -27.87 8.88
C ASN A 125 -4.57 -26.58 9.59
N VAL A 126 -4.35 -26.53 10.90
CA VAL A 126 -4.74 -25.37 11.71
C VAL A 126 -3.53 -24.63 12.27
N SER A 127 -3.78 -23.45 12.84
CA SER A 127 -2.72 -22.63 13.41
C SER A 127 -3.31 -21.62 14.41
N THR A 128 -2.44 -21.05 15.24
CA THR A 128 -2.89 -20.07 16.25
C THR A 128 -2.18 -18.74 16.08
N VAL A 129 -2.96 -17.66 16.05
CA VAL A 129 -2.40 -16.32 15.92
C VAL A 129 -3.04 -15.38 16.93
N GLN A 130 -2.38 -14.24 17.16
CA GLN A 130 -2.90 -13.22 18.05
C GLN A 130 -3.83 -12.28 17.28
N CYS A 131 -3.43 -11.95 16.05
CA CYS A 131 -4.20 -11.05 15.20
C CYS A 131 -4.38 -11.65 13.82
N THR A 132 -5.49 -11.28 13.18
CA THR A 132 -5.72 -11.63 11.79
C THR A 132 -4.74 -10.87 10.91
N HIS A 133 -4.74 -11.17 9.62
CA HIS A 133 -3.93 -10.41 8.67
C HIS A 133 -4.57 -9.04 8.44
N GLY A 134 -3.88 -8.18 7.72
CA GLY A 134 -4.40 -6.85 7.45
C GLY A 134 -5.56 -6.86 6.48
N ILE A 135 -6.70 -6.36 6.92
CA ILE A 135 -7.89 -6.36 6.08
C ILE A 135 -8.38 -4.94 5.81
N LYS A 136 -8.41 -4.56 4.54
CA LYS A 136 -8.96 -3.26 4.17
C LYS A 136 -10.48 -3.35 4.22
N PRO A 137 -11.10 -2.49 5.03
CA PRO A 137 -12.57 -2.47 5.17
C PRO A 137 -13.23 -1.82 3.95
N VAL A 138 -13.07 -2.47 2.80
CA VAL A 138 -13.58 -1.94 1.54
C VAL A 138 -15.08 -2.21 1.39
N VAL A 139 -15.86 -1.12 1.32
CA VAL A 139 -17.30 -1.21 1.16
C VAL A 139 -17.68 -1.20 -0.31
N SER A 140 -18.31 -2.26 -0.79
CA SER A 140 -18.72 -2.34 -2.19
C SER A 140 -19.76 -3.43 -2.43
N THR A 141 -20.29 -3.48 -3.64
CA THR A 141 -21.23 -4.51 -4.03
C THR A 141 -20.77 -5.19 -5.31
N GLN A 142 -21.28 -6.39 -5.56
CA GLN A 142 -21.00 -7.13 -6.79
C GLN A 142 -19.55 -7.59 -6.93
N LEU A 143 -18.61 -6.65 -6.83
CA LEU A 143 -17.20 -6.97 -6.94
C LEU A 143 -16.51 -6.70 -5.61
N LEU A 144 -15.66 -7.64 -5.18
CA LEU A 144 -14.85 -7.46 -3.98
C LEU A 144 -13.49 -6.90 -4.36
N LEU A 145 -13.09 -5.79 -3.73
CA LEU A 145 -11.90 -5.05 -4.14
C LEU A 145 -10.80 -5.02 -3.09
N ASN A 146 -9.55 -5.05 -3.55
CA ASN A 146 -8.39 -4.93 -2.69
C ASN A 146 -8.38 -5.92 -1.53
N GLY A 147 -8.81 -7.14 -1.82
CA GLY A 147 -8.79 -8.20 -0.83
C GLY A 147 -7.65 -9.14 -1.07
N SER A 148 -7.64 -10.26 -0.37
CA SER A 148 -6.63 -11.29 -0.57
C SER A 148 -7.08 -12.26 -1.66
N LEU A 149 -6.14 -12.94 -2.28
CA LEU A 149 -6.45 -13.91 -3.32
C LEU A 149 -6.38 -15.34 -2.80
N ALA A 150 -7.12 -16.24 -3.42
CA ALA A 150 -7.03 -17.65 -3.09
C ALA A 150 -5.68 -18.18 -3.56
N GLU A 151 -5.02 -18.95 -2.72
CA GLU A 151 -3.65 -19.41 -3.01
C GLU A 151 -3.61 -20.44 -4.15
N GLU A 152 -4.51 -21.39 -4.12
CA GLU A 152 -4.53 -22.40 -5.16
C GLU A 152 -5.87 -21.93 -5.66
N GLU A 153 -6.62 -22.82 -6.30
CA GLU A 153 -7.63 -22.56 -7.32
C GLU A 153 -8.77 -21.73 -6.77
N ILE A 154 -9.59 -21.21 -7.68
CA ILE A 154 -10.76 -20.42 -7.32
C ILE A 154 -11.65 -21.17 -6.35
N ILE A 155 -12.16 -20.47 -5.34
CA ILE A 155 -12.96 -21.09 -4.31
C ILE A 155 -14.36 -20.53 -4.25
N ILE A 156 -15.36 -21.42 -4.31
CA ILE A 156 -16.76 -21.04 -4.24
C ILE A 156 -17.28 -21.18 -2.82
N ARG A 157 -17.80 -20.09 -2.26
CA ARG A 157 -18.28 -20.10 -0.88
C ARG A 157 -19.77 -19.79 -0.79
N SER A 158 -20.48 -20.60 -0.04
CA SER A 158 -21.91 -20.42 0.19
C SER A 158 -22.34 -21.07 1.50
N GLU A 159 -23.28 -20.47 2.19
CA GLU A 159 -23.84 -21.09 3.38
C GLU A 159 -24.66 -22.31 2.98
N ASN A 160 -25.04 -22.35 1.71
CA ASN A 160 -25.85 -23.44 1.17
C ASN A 160 -25.78 -23.01 -0.28
N LEU A 161 -25.49 -23.97 -1.16
CA LEU A 161 -25.32 -23.68 -2.58
C LEU A 161 -26.66 -23.97 -3.23
N THR A 162 -27.36 -24.99 -2.73
CA THR A 162 -28.64 -25.39 -3.32
C THR A 162 -29.71 -24.34 -2.99
N ASN A 163 -29.44 -23.53 -1.98
CA ASN A 163 -30.37 -22.46 -1.61
C ASN A 163 -30.06 -21.19 -2.39
N ASN A 164 -30.81 -20.97 -3.47
CA ASN A 164 -30.54 -19.85 -4.37
C ASN A 164 -30.69 -18.48 -3.72
N ALA A 165 -31.11 -18.47 -2.45
CA ALA A 165 -31.27 -17.22 -1.72
C ALA A 165 -29.99 -16.84 -0.99
N LYS A 166 -29.11 -17.82 -0.79
CA LYS A 166 -27.84 -17.58 -0.10
C LYS A 166 -26.80 -17.00 -1.05
N THR A 167 -26.17 -15.91 -0.62
CA THR A 167 -25.15 -15.25 -1.41
C THR A 167 -23.95 -16.18 -1.64
N ILE A 168 -23.38 -16.13 -2.83
CA ILE A 168 -22.20 -16.92 -3.16
C ILE A 168 -20.97 -16.01 -3.21
N ILE A 169 -19.93 -16.39 -2.49
CA ILE A 169 -18.70 -15.62 -2.50
C ILE A 169 -17.61 -16.32 -3.30
N VAL A 170 -17.25 -15.75 -4.44
CA VAL A 170 -16.19 -16.30 -5.27
C VAL A 170 -14.85 -15.69 -4.86
N HIS A 171 -13.89 -16.54 -4.53
CA HIS A 171 -12.57 -16.09 -4.14
C HIS A 171 -11.60 -16.34 -5.30
N LEU A 172 -11.30 -15.29 -6.05
CA LEU A 172 -10.41 -15.41 -7.21
C LEU A 172 -8.97 -15.67 -6.78
N ASN A 173 -8.22 -16.39 -7.62
CA ASN A 173 -6.81 -16.63 -7.37
C ASN A 173 -5.92 -15.74 -8.22
N GLU A 174 -6.52 -14.97 -9.10
CA GLU A 174 -5.85 -13.95 -9.86
C GLU A 174 -6.69 -12.70 -9.90
N SER A 175 -6.14 -11.60 -9.49
CA SER A 175 -6.88 -10.35 -9.45
C SER A 175 -7.12 -9.79 -10.85
N VAL A 176 -8.29 -9.19 -11.05
CA VAL A 176 -8.58 -8.45 -12.26
C VAL A 176 -8.53 -6.96 -11.96
N ASN A 177 -7.66 -6.24 -12.66
CA ASN A 177 -7.50 -4.80 -12.42
C ASN A 177 -8.69 -3.99 -12.92
N ILE A 178 -9.13 -3.03 -12.12
CA ILE A 178 -10.25 -2.18 -12.49
C ILE A 178 -9.96 -0.71 -12.18
N VAL A 179 -10.01 0.13 -13.21
CA VAL A 179 -9.71 1.55 -13.06
C VAL A 179 -10.96 2.38 -13.31
N CYS A 180 -11.40 3.10 -12.29
CA CYS A 180 -12.58 3.96 -12.41
C CYS A 180 -12.17 5.41 -12.30
N THR A 181 -12.76 6.26 -13.12
CA THR A 181 -12.33 7.64 -13.18
C THR A 181 -13.45 8.58 -13.56
N ARG A 182 -13.51 9.70 -12.87
CA ARG A 182 -14.28 10.84 -13.34
C ARG A 182 -13.28 11.89 -13.80
N PRO A 183 -13.12 12.03 -15.12
CA PRO A 183 -12.10 12.91 -15.69
C PRO A 183 -12.21 14.36 -15.23
N ASN A 184 -11.07 15.05 -15.18
CA ASN A 184 -11.02 16.43 -14.71
C ASN A 184 -12.07 17.32 -15.36
N ASN A 193 -20.26 16.65 -17.64
CA ASN A 193 -21.02 16.14 -16.53
C ASN A 193 -20.12 15.74 -15.36
N ILE A 194 -20.17 16.52 -14.28
CA ILE A 194 -19.28 16.29 -13.14
C ILE A 194 -19.62 15.02 -12.36
N ARG A 195 -20.76 14.42 -12.66
CA ARG A 195 -21.17 13.19 -11.98
C ARG A 195 -20.96 11.96 -12.84
N GLN A 196 -20.51 12.17 -14.07
CA GLN A 196 -20.25 11.09 -15.00
C GLN A 196 -18.88 10.51 -14.89
N ALA A 197 -18.81 9.23 -14.65
CA ALA A 197 -17.53 8.54 -14.57
C ALA A 197 -17.60 7.22 -15.35
N HIS A 198 -16.53 6.44 -15.29
CA HIS A 198 -16.48 5.16 -16.01
C HIS A 198 -15.34 4.30 -15.51
N CYS A 199 -15.46 2.99 -15.68
CA CYS A 199 -14.41 2.05 -15.29
C CYS A 199 -13.89 1.29 -16.49
N ASN A 200 -12.62 0.91 -16.45
CA ASN A 200 -12.03 0.09 -17.50
C ASN A 200 -11.57 -1.26 -16.98
N ILE A 201 -11.95 -2.32 -17.69
CA ILE A 201 -11.51 -3.67 -17.35
C ILE A 201 -11.03 -4.39 -18.60
N ASN A 202 -9.85 -4.98 -18.51
CA ASN A 202 -9.30 -5.76 -19.62
C ASN A 202 -10.16 -7.00 -19.88
N GLU A 203 -10.73 -7.08 -21.08
CA GLU A 203 -11.63 -8.19 -21.40
C GLU A 203 -10.93 -9.54 -21.39
N SER A 204 -9.66 -9.56 -21.78
CA SER A 204 -8.89 -10.80 -21.75
C SER A 204 -8.88 -11.37 -20.33
N LYS A 205 -8.53 -10.53 -19.37
CA LYS A 205 -8.49 -10.93 -17.96
C LYS A 205 -9.87 -11.39 -17.49
N TRP A 206 -10.91 -10.68 -17.93
CA TRP A 206 -12.28 -11.00 -17.53
C TRP A 206 -12.78 -12.28 -18.21
N ASN A 207 -12.45 -12.45 -19.49
CA ASN A 207 -12.79 -13.68 -20.20
C ASN A 207 -12.22 -14.90 -19.47
N ASN A 208 -10.93 -14.85 -19.17
CA ASN A 208 -10.28 -15.91 -18.41
C ASN A 208 -10.87 -16.09 -17.02
N THR A 209 -11.22 -14.98 -16.38
CA THR A 209 -11.81 -15.03 -15.04
C THR A 209 -13.13 -15.78 -15.03
N LEU A 210 -14.02 -15.44 -15.94
CA LEU A 210 -15.33 -16.07 -15.99
C LEU A 210 -15.26 -17.48 -16.59
N GLN A 211 -14.21 -17.73 -17.36
CA GLN A 211 -13.94 -19.08 -17.86
C GLN A 211 -13.68 -20.01 -16.69
N LYS A 212 -12.73 -19.63 -15.84
CA LYS A 212 -12.39 -20.40 -14.66
C LYS A 212 -13.59 -20.48 -13.71
N VAL A 213 -14.14 -19.32 -13.35
CA VAL A 213 -15.28 -19.27 -12.46
C VAL A 213 -16.41 -20.14 -13.00
N GLY A 214 -16.58 -20.13 -14.32
CA GLY A 214 -17.57 -20.97 -14.98
C GLY A 214 -17.30 -22.45 -14.75
N GLU A 215 -16.03 -22.82 -14.75
CA GLU A 215 -15.63 -24.21 -14.53
C GLU A 215 -15.95 -24.65 -13.11
N GLU A 216 -15.49 -23.87 -12.15
CA GLU A 216 -15.72 -24.18 -10.73
C GLU A 216 -17.21 -24.28 -10.42
N LEU A 217 -18.01 -23.49 -11.10
CA LEU A 217 -19.46 -23.53 -10.92
C LEU A 217 -20.03 -24.73 -11.63
N ALA A 218 -19.58 -24.97 -12.85
CA ALA A 218 -20.02 -26.11 -13.65
C ALA A 218 -19.92 -27.40 -12.83
N LYS A 219 -18.85 -27.48 -12.07
CA LYS A 219 -18.66 -28.55 -11.19
C LYS A 219 -19.93 -28.49 -10.42
N HIS A 220 -19.92 -27.87 -9.26
CA HIS A 220 -21.06 -27.77 -8.34
C HIS A 220 -22.46 -27.94 -8.85
N PHE A 221 -22.68 -27.62 -10.10
CA PHE A 221 -23.93 -27.78 -10.84
C PHE A 221 -23.73 -28.69 -12.05
N PRO A 222 -23.96 -30.00 -11.86
CA PRO A 222 -23.71 -31.10 -12.78
C PRO A 222 -23.43 -30.65 -14.21
N SER A 223 -24.45 -30.64 -15.05
CA SER A 223 -24.25 -30.28 -16.46
C SER A 223 -25.33 -29.32 -16.95
N LYS A 224 -25.15 -28.03 -16.68
CA LYS A 224 -26.12 -27.03 -17.09
C LYS A 224 -25.44 -25.85 -17.79
N THR A 225 -26.19 -25.16 -18.64
CA THR A 225 -25.67 -24.01 -19.36
C THR A 225 -25.56 -22.83 -18.39
N ILE A 226 -24.36 -22.58 -17.90
CA ILE A 226 -24.13 -21.55 -16.89
C ILE A 226 -24.07 -20.15 -17.48
N LYS A 227 -25.11 -19.36 -17.27
CA LYS A 227 -25.15 -17.99 -17.79
C LYS A 227 -24.86 -16.95 -16.70
N PHE A 228 -24.28 -15.84 -17.12
CA PHE A 228 -24.05 -14.70 -16.24
C PHE A 228 -24.84 -13.51 -16.76
N GLU A 229 -25.73 -12.98 -15.93
CA GLU A 229 -26.54 -11.83 -16.31
C GLU A 229 -26.52 -10.76 -15.24
N PRO A 230 -26.82 -9.51 -15.64
CA PRO A 230 -26.94 -8.36 -14.73
C PRO A 230 -27.99 -8.60 -13.66
N SER A 231 -27.92 -7.82 -12.57
CA SER A 231 -28.89 -7.93 -11.48
C SER A 231 -30.31 -7.62 -11.96
N SER A 232 -31.23 -8.54 -11.70
CA SER A 232 -32.60 -8.44 -12.20
C SER A 232 -33.26 -7.10 -11.86
N GLY A 233 -32.97 -6.58 -10.69
CA GLY A 233 -33.53 -5.31 -10.26
C GLY A 233 -33.30 -5.03 -8.78
N GLY A 234 -33.76 -3.88 -8.32
CA GLY A 234 -33.61 -3.48 -6.93
C GLY A 234 -32.98 -2.11 -6.79
N ASP A 235 -32.44 -1.81 -5.64
CA ASP A 235 -31.80 -0.54 -5.44
C ASP A 235 -30.52 -0.43 -6.22
N LEU A 236 -30.15 0.77 -6.59
CA LEU A 236 -28.95 0.99 -7.39
C LEU A 236 -27.68 0.46 -6.74
N GLU A 237 -27.64 0.44 -5.42
CA GLU A 237 -26.46 -0.02 -4.71
C GLU A 237 -26.12 -1.45 -5.07
N ILE A 238 -27.14 -2.24 -5.41
CA ILE A 238 -26.93 -3.67 -5.67
C ILE A 238 -27.13 -4.05 -7.14
N THR A 239 -27.84 -3.21 -7.90
CA THR A 239 -28.01 -3.47 -9.33
C THR A 239 -26.82 -2.93 -10.11
N THR A 240 -25.97 -2.19 -9.42
CA THR A 240 -24.72 -1.73 -9.99
C THR A 240 -23.57 -2.06 -9.05
N HIS A 241 -22.35 -1.96 -9.55
CA HIS A 241 -21.17 -2.09 -8.72
C HIS A 241 -20.95 -0.75 -8.01
N SER A 242 -21.42 -0.64 -6.78
CA SER A 242 -21.24 0.57 -6.00
C SER A 242 -20.08 0.40 -5.03
N PHE A 243 -19.40 1.51 -4.77
CA PHE A 243 -18.24 1.52 -3.89
C PHE A 243 -17.91 2.97 -3.60
N ASN A 244 -16.97 3.19 -2.70
CA ASN A 244 -16.54 4.55 -2.40
C ASN A 244 -15.12 4.81 -2.90
N CYS A 245 -14.96 5.90 -3.65
CA CYS A 245 -13.65 6.27 -4.19
C CYS A 245 -13.26 7.68 -3.77
N ARG A 246 -12.35 7.75 -2.83
CA ARG A 246 -11.91 8.99 -2.29
CA ARG A 246 -11.89 8.92 -2.22
C ARG A 246 -13.04 9.76 -1.65
N GLY A 247 -13.99 9.05 -1.12
CA GLY A 247 -15.10 9.64 -0.40
C GLY A 247 -16.34 9.80 -1.27
N GLU A 248 -16.15 9.71 -2.58
CA GLU A 248 -17.25 9.85 -3.52
C GLU A 248 -17.89 8.49 -3.80
N PHE A 249 -19.22 8.48 -3.84
CA PHE A 249 -19.96 7.24 -4.03
C PHE A 249 -20.20 6.93 -5.50
N PHE A 250 -19.46 5.96 -6.03
CA PHE A 250 -19.59 5.55 -7.43
C PHE A 250 -20.64 4.47 -7.60
N TYR A 251 -21.45 4.60 -8.64
CA TYR A 251 -22.40 3.57 -9.04
C TYR A 251 -22.09 3.18 -10.48
N CYS A 252 -21.51 2.01 -10.68
CA CYS A 252 -21.01 1.61 -12.00
C CYS A 252 -21.78 0.46 -12.63
N ASN A 253 -22.27 0.69 -13.84
CA ASN A 253 -23.07 -0.29 -14.56
C ASN A 253 -22.25 -1.50 -14.96
N THR A 254 -22.80 -2.69 -14.73
CA THR A 254 -22.08 -3.93 -15.02
C THR A 254 -22.82 -4.81 -16.02
N SER A 255 -23.76 -4.23 -16.77
CA SER A 255 -24.55 -5.01 -17.72
C SER A 255 -23.70 -5.58 -18.85
N ASP A 256 -22.52 -5.02 -19.05
CA ASP A 256 -21.57 -5.55 -20.04
C ASP A 256 -20.49 -6.40 -19.40
N LEU A 257 -20.52 -6.50 -18.07
CA LEU A 257 -19.53 -7.27 -17.35
C LEU A 257 -20.06 -8.66 -17.04
N PHE A 258 -21.20 -8.71 -16.36
CA PHE A 258 -21.88 -9.98 -16.11
C PHE A 258 -22.80 -10.26 -17.29
N ASN A 259 -22.21 -10.61 -18.41
CA ASN A 259 -22.95 -10.80 -19.65
C ASN A 259 -22.14 -11.85 -20.42
N GLY A 260 -22.56 -13.11 -20.31
CA GLY A 260 -21.94 -14.18 -21.07
C GLY A 260 -22.48 -15.54 -20.68
N THR A 261 -21.97 -16.59 -21.31
CA THR A 261 -22.44 -17.95 -21.03
C THR A 261 -21.32 -18.98 -21.08
N TYR A 262 -21.39 -19.95 -20.18
CA TYR A 262 -20.40 -21.02 -20.11
C TYR A 262 -21.04 -22.36 -20.44
N ARG A 263 -20.75 -22.87 -21.63
CA ARG A 263 -21.33 -24.12 -22.09
C ARG A 263 -20.28 -24.96 -22.81
N ASN A 264 -20.37 -26.28 -22.65
CA ASN A 264 -19.42 -27.20 -23.27
C ASN A 264 -17.98 -26.89 -22.89
N GLY A 265 -17.77 -26.52 -21.63
CA GLY A 265 -16.44 -26.25 -21.12
C GLY A 265 -15.79 -25.01 -21.68
N THR A 266 -16.62 -24.13 -22.27
CA THR A 266 -16.11 -22.90 -22.85
C THR A 266 -16.97 -21.69 -22.47
N TYR A 267 -16.31 -20.56 -22.21
CA TYR A 267 -17.01 -19.32 -21.89
C TYR A 267 -17.08 -18.39 -23.10
N ASN A 268 -18.24 -17.78 -23.31
CA ASN A 268 -18.42 -16.81 -24.38
C ASN A 268 -18.97 -15.48 -23.85
N HIS A 269 -18.14 -14.45 -23.85
CA HIS A 269 -18.56 -13.14 -23.37
C HIS A 269 -19.46 -12.45 -24.39
N THR A 270 -20.68 -12.13 -23.97
CA THR A 270 -21.66 -11.56 -24.86
C THR A 270 -21.95 -10.10 -24.53
N GLY A 271 -21.21 -9.56 -23.55
CA GLY A 271 -21.34 -8.17 -23.19
C GLY A 271 -20.50 -7.29 -24.12
N ARG A 272 -20.90 -6.05 -24.29
CA ARG A 272 -20.21 -5.16 -25.21
C ARG A 272 -18.78 -4.85 -24.78
N SER A 273 -17.88 -4.78 -25.76
CA SER A 273 -16.47 -4.49 -25.48
C SER A 273 -15.79 -3.86 -26.68
N SER A 274 -14.72 -3.15 -26.40
CA SER A 274 -14.12 -2.28 -27.39
C SER A 274 -12.61 -2.13 -27.22
N ASN A 275 -11.88 -2.73 -28.15
CA ASN A 275 -10.42 -2.81 -28.20
C ASN A 275 -9.95 -3.53 -27.02
N GLY A 276 -10.71 -4.53 -26.65
CA GLY A 276 -10.37 -5.40 -25.57
C GLY A 276 -10.51 -4.81 -24.21
N THR A 277 -11.26 -3.75 -24.08
CA THR A 277 -11.54 -3.24 -22.77
C THR A 277 -13.02 -3.03 -22.54
N ILE A 278 -13.54 -3.65 -21.52
CA ILE A 278 -14.92 -3.43 -21.09
C ILE A 278 -14.96 -2.17 -20.23
N THR A 279 -15.84 -1.24 -20.56
CA THR A 279 -15.96 -0.04 -19.75
C THR A 279 -17.31 0.03 -19.07
N LEU A 280 -17.30 0.33 -17.77
CA LEU A 280 -18.55 0.49 -17.03
C LEU A 280 -18.90 1.97 -16.99
N GLN A 281 -20.15 2.29 -17.26
CA GLN A 281 -20.63 3.66 -17.16
C GLN A 281 -21.00 3.92 -15.71
N CYS A 282 -20.42 4.96 -15.12
CA CYS A 282 -20.58 5.22 -13.70
C CYS A 282 -21.35 6.51 -13.41
N LYS A 283 -21.84 6.62 -12.18
CA LYS A 283 -22.59 7.82 -11.78
C LYS A 283 -22.37 8.13 -10.30
N ILE A 284 -21.59 9.19 -10.03
CA ILE A 284 -21.33 9.61 -8.65
C ILE A 284 -22.62 10.19 -8.06
N LYS A 285 -23.16 9.50 -7.06
CA LYS A 285 -24.46 9.90 -6.50
C LYS A 285 -24.33 10.62 -5.16
N GLN A 286 -25.27 11.53 -4.90
CA GLN A 286 -25.34 12.23 -3.62
C GLN A 286 -26.28 11.51 -2.66
N ILE A 287 -27.36 10.96 -3.20
CA ILE A 287 -28.34 10.25 -2.37
C ILE A 287 -28.02 8.76 -2.32
N ILE A 288 -27.70 8.25 -1.15
CA ILE A 288 -27.28 6.85 -1.04
C ILE A 288 -28.07 6.07 0.00
N ASN A 289 -28.53 4.88 -0.39
CA ASN A 289 -29.21 3.99 0.54
C ASN A 289 -28.13 3.39 1.43
N MET A 290 -28.20 3.69 2.72
CA MET A 290 -27.14 3.29 3.63
C MET A 290 -27.03 1.76 3.79
N TRP A 291 -25.81 1.26 3.94
CA TRP A 291 -25.59 -0.14 4.22
C TRP A 291 -25.53 -0.37 5.72
N GLN A 292 -25.21 0.68 6.47
CA GLN A 292 -25.08 0.57 7.92
C GLN A 292 -26.43 0.31 8.57
N GLU A 293 -27.45 1.02 8.09
CA GLU A 293 -28.79 0.91 8.62
C GLU A 293 -29.79 1.25 7.51
N VAL A 294 -31.06 0.96 7.76
CA VAL A 294 -32.09 1.29 6.79
C VAL A 294 -32.34 2.79 6.82
N GLY A 295 -31.93 3.46 5.74
CA GLY A 295 -32.11 4.90 5.65
C GLY A 295 -31.36 5.48 4.49
N ARG A 296 -31.57 6.77 4.24
CA ARG A 296 -30.90 7.45 3.12
C ARG A 296 -30.00 8.59 3.61
N ALA A 297 -28.80 8.65 3.04
CA ALA A 297 -27.85 9.70 3.37
C ALA A 297 -27.63 10.55 2.14
N ILE A 298 -27.52 11.87 2.34
CA ILE A 298 -27.30 12.79 1.23
C ILE A 298 -25.96 13.51 1.43
N TYR A 299 -25.09 13.41 0.43
CA TYR A 299 -23.77 14.02 0.51
C TYR A 299 -23.66 15.19 -0.46
N ALA A 300 -22.58 15.96 -0.34
CA ALA A 300 -22.38 17.11 -1.21
C ALA A 300 -21.90 16.68 -2.59
N PRO A 301 -22.06 17.55 -3.59
CA PRO A 301 -21.61 17.27 -4.96
C PRO A 301 -20.15 16.87 -4.96
N PRO A 302 -19.70 16.20 -6.04
CA PRO A 302 -18.34 15.66 -6.09
C PRO A 302 -17.27 16.74 -6.06
N ILE A 303 -16.13 16.44 -5.46
CA ILE A 303 -14.99 17.33 -5.46
C ILE A 303 -14.53 17.58 -6.90
N GLU A 304 -13.64 18.55 -7.07
CA GLU A 304 -13.11 18.94 -8.34
C GLU A 304 -11.87 18.17 -8.69
N GLY A 305 -11.52 18.16 -9.98
CA GLY A 305 -10.31 17.47 -10.41
C GLY A 305 -10.57 16.04 -10.84
N GLU A 306 -9.51 15.30 -11.13
CA GLU A 306 -9.66 13.91 -11.50
C GLU A 306 -9.87 13.04 -10.27
N ILE A 307 -10.99 12.31 -10.25
CA ILE A 307 -11.28 11.37 -9.18
C ILE A 307 -11.11 9.96 -9.72
N THR A 308 -10.00 9.33 -9.38
CA THR A 308 -9.72 8.00 -9.92
C THR A 308 -9.26 7.01 -8.84
N CYS A 309 -9.75 5.78 -8.94
CA CYS A 309 -9.36 4.69 -8.06
C CYS A 309 -8.93 3.47 -8.86
N ASN A 310 -7.65 3.11 -8.75
CA ASN A 310 -7.12 1.92 -9.38
C ASN A 310 -7.13 0.76 -8.38
N SER A 311 -8.04 -0.19 -8.58
CA SER A 311 -8.29 -1.24 -7.60
C SER A 311 -8.09 -2.63 -8.17
N ASN A 312 -8.10 -3.64 -7.32
CA ASN A 312 -8.00 -5.01 -7.75
C ASN A 312 -9.21 -5.84 -7.35
N ILE A 313 -9.85 -6.44 -8.33
CA ILE A 313 -10.97 -7.34 -8.09
C ILE A 313 -10.41 -8.67 -7.61
N THR A 314 -10.68 -9.01 -6.35
CA THR A 314 -10.14 -10.23 -5.77
C THR A 314 -11.22 -11.27 -5.49
N GLY A 315 -12.48 -10.90 -5.75
CA GLY A 315 -13.59 -11.79 -5.52
C GLY A 315 -14.88 -11.29 -6.13
N LEU A 316 -15.88 -12.17 -6.20
CA LEU A 316 -17.19 -11.81 -6.73
C LEU A 316 -18.28 -12.20 -5.75
N LEU A 317 -19.40 -11.49 -5.81
CA LEU A 317 -20.58 -11.84 -5.03
C LEU A 317 -21.70 -12.17 -6.01
N LEU A 318 -22.18 -13.41 -5.95
CA LEU A 318 -23.15 -13.87 -6.93
C LEU A 318 -24.46 -14.37 -6.31
N LEU A 319 -25.50 -14.40 -7.13
CA LEU A 319 -26.79 -14.97 -6.73
C LEU A 319 -27.33 -15.79 -7.91
N ARG A 320 -27.67 -17.05 -7.66
CA ARG A 320 -28.22 -17.91 -8.69
C ARG A 320 -29.74 -17.80 -8.73
N ASP A 321 -30.30 -17.76 -9.94
CA ASP A 321 -31.75 -17.69 -10.10
C ASP A 321 -32.43 -18.95 -9.57
N ASP A 330 -32.01 -26.47 -17.17
CA ASP A 330 -31.32 -26.57 -18.45
C ASP A 330 -30.28 -25.46 -18.60
N THR A 331 -30.34 -24.48 -17.71
CA THR A 331 -29.40 -23.36 -17.75
C THR A 331 -29.54 -22.83 -16.33
N GLU A 332 -28.40 -22.64 -15.66
CA GLU A 332 -28.33 -21.91 -14.40
C GLU A 332 -27.90 -20.49 -14.66
N THR A 333 -28.57 -19.53 -14.02
CA THR A 333 -28.23 -18.12 -14.23
C THR A 333 -27.69 -17.46 -12.95
N PHE A 334 -26.53 -16.84 -13.07
CA PHE A 334 -25.90 -16.16 -11.93
C PHE A 334 -25.84 -14.66 -12.16
N ARG A 335 -26.14 -13.89 -11.12
CA ARG A 335 -26.15 -12.44 -11.22
C ARG A 335 -25.36 -11.83 -10.06
N PRO A 336 -24.80 -10.64 -10.28
CA PRO A 336 -24.05 -9.95 -9.22
C PRO A 336 -24.94 -9.65 -8.03
N GLY A 337 -24.41 -9.85 -6.83
CA GLY A 337 -25.16 -9.62 -5.61
C GLY A 337 -24.49 -8.63 -4.69
N GLY A 338 -24.76 -8.73 -3.39
CA GLY A 338 -24.21 -7.83 -2.40
C GLY A 338 -25.26 -7.04 -1.65
N GLY A 339 -24.81 -6.10 -0.84
CA GLY A 339 -25.73 -5.28 -0.05
C GLY A 339 -25.46 -5.42 1.43
N ASP A 340 -25.31 -6.67 1.88
CA ASP A 340 -24.96 -6.94 3.26
C ASP A 340 -23.43 -6.95 3.38
N MET A 341 -22.87 -5.85 3.82
CA MET A 341 -21.42 -5.71 3.89
C MET A 341 -20.75 -6.76 4.77
N ARG A 342 -21.51 -7.45 5.59
CA ARG A 342 -21.03 -8.55 6.39
C ARG A 342 -20.49 -9.71 5.58
N ASP A 343 -20.86 -9.80 4.32
CA ASP A 343 -20.28 -10.75 3.38
C ASP A 343 -18.89 -10.29 2.91
N ASN A 344 -18.71 -8.97 2.83
CA ASN A 344 -17.42 -8.42 2.46
C ASN A 344 -16.36 -8.71 3.50
N TRP A 345 -16.77 -8.64 4.77
CA TRP A 345 -15.88 -8.99 5.87
C TRP A 345 -15.62 -10.49 5.87
N ARG A 346 -16.66 -11.27 5.58
CA ARG A 346 -16.57 -12.72 5.54
C ARG A 346 -15.50 -13.23 4.59
N SER A 347 -15.36 -12.57 3.45
CA SER A 347 -14.44 -13.01 2.41
C SER A 347 -12.98 -12.99 2.86
N GLU A 348 -12.71 -12.29 3.96
CA GLU A 348 -11.36 -12.22 4.51
C GLU A 348 -11.27 -12.93 5.86
N LEU A 349 -12.39 -12.97 6.59
CA LEU A 349 -12.42 -13.52 7.93
C LEU A 349 -12.85 -14.99 7.98
N TYR A 350 -13.03 -15.60 6.81
CA TYR A 350 -13.46 -17.00 6.74
C TYR A 350 -12.43 -17.94 7.34
N LYS A 351 -11.16 -17.54 7.31
CA LYS A 351 -10.07 -18.35 7.84
C LYS A 351 -10.06 -18.41 9.36
N TYR A 352 -10.69 -17.43 9.99
CA TYR A 352 -10.51 -17.23 11.43
C TYR A 352 -11.68 -17.70 12.28
N LYS A 353 -11.39 -17.87 13.58
CA LYS A 353 -12.37 -18.32 14.56
C LYS A 353 -11.76 -17.87 15.89
N VAL A 354 -12.56 -17.19 16.70
CA VAL A 354 -12.17 -16.86 18.06
C VAL A 354 -12.41 -18.03 19.02
N VAL A 355 -11.39 -18.35 19.82
CA VAL A 355 -11.47 -19.48 20.75
C VAL A 355 -10.96 -19.10 22.13
N GLU A 356 -11.34 -19.90 23.14
CA GLU A 356 -10.96 -19.63 24.51
C GLU A 356 -9.77 -20.50 24.94
N ILE A 357 -9.05 -20.05 25.95
CA ILE A 357 -7.89 -20.77 26.46
C ILE A 357 -8.21 -21.48 27.78
N LYS B 6 17.32 31.76 -4.35
CA LYS B 6 17.49 30.98 -3.11
C LYS B 6 16.70 31.58 -1.96
N THR B 7 16.87 31.00 -0.78
CA THR B 7 16.16 31.44 0.42
C THR B 7 16.48 30.51 1.60
N THR B 8 16.07 30.92 2.79
CA THR B 8 16.27 30.08 3.98
C THR B 8 14.95 29.43 4.40
N LEU B 9 14.74 28.20 3.95
CA LEU B 9 13.53 27.47 4.30
C LEU B 9 13.48 27.11 5.77
N PHE B 10 12.28 26.90 6.29
CA PHE B 10 12.11 26.38 7.65
C PHE B 10 11.29 25.10 7.55
N CYS B 11 11.30 24.31 8.63
CA CYS B 11 10.60 23.03 8.62
C CYS B 11 9.37 23.04 9.54
N ALA B 12 8.39 22.22 9.18
CA ALA B 12 7.19 22.07 10.00
C ALA B 12 6.86 20.59 10.16
N SER B 13 6.38 20.21 11.35
CA SER B 13 6.06 18.81 11.61
C SER B 13 5.02 18.68 12.71
N ASP B 14 4.53 17.47 12.92
CA ASP B 14 3.57 17.18 13.97
C ASP B 14 4.29 16.64 15.20
N ALA B 15 5.52 17.08 15.40
CA ALA B 15 6.34 16.62 16.51
C ALA B 15 5.66 16.86 17.85
N LYS B 16 5.57 15.81 18.66
CA LYS B 16 4.99 15.90 20.00
C LYS B 16 6.07 16.33 20.99
N ALA B 17 5.78 17.36 21.76
CA ALA B 17 6.74 17.86 22.75
C ALA B 17 6.91 16.89 23.91
N TYR B 18 5.94 16.01 24.09
CA TYR B 18 5.97 15.02 25.16
C TYR B 18 6.68 13.75 24.69
N GLU B 19 7.07 13.73 23.43
CA GLU B 19 7.69 12.55 22.83
C GLU B 19 9.20 12.52 23.09
N LYS B 20 9.69 11.37 23.57
CA LYS B 20 11.11 11.20 23.82
C LYS B 20 11.86 10.76 22.56
N GLU B 21 11.11 10.22 21.60
CA GLU B 21 11.68 9.85 20.31
C GLU B 21 12.48 11.03 19.78
N VAL B 22 13.71 10.77 19.34
CA VAL B 22 14.66 11.83 19.04
C VAL B 22 14.24 12.75 17.89
N HIS B 23 13.62 12.20 16.86
CA HIS B 23 13.12 13.02 15.77
C HIS B 23 12.15 14.06 16.30
N ASN B 24 11.28 13.63 17.21
CA ASN B 24 10.31 14.52 17.83
C ASN B 24 11.00 15.60 18.67
N VAL B 25 11.98 15.19 19.46
CA VAL B 25 12.72 16.13 20.30
C VAL B 25 13.43 17.20 19.47
N TRP B 26 13.99 16.80 18.33
CA TRP B 26 14.68 17.75 17.48
C TRP B 26 13.71 18.69 16.76
N ALA B 27 12.64 18.12 16.21
CA ALA B 27 11.68 18.91 15.44
C ALA B 27 10.95 19.93 16.30
N THR B 28 10.65 19.55 17.55
CA THR B 28 9.92 20.45 18.43
C THR B 28 10.67 21.76 18.66
N HIS B 29 12.00 21.69 18.72
CA HIS B 29 12.81 22.89 18.96
C HIS B 29 13.35 23.51 17.68
N ALA B 30 13.44 22.72 16.62
CA ALA B 30 14.03 23.19 15.36
C ALA B 30 12.98 23.55 14.31
N CYS B 31 11.77 23.04 14.50
CA CYS B 31 10.72 23.21 13.49
C CYS B 31 9.49 23.96 14.00
N VAL B 32 8.56 24.20 13.09
CA VAL B 32 7.29 24.83 13.40
C VAL B 32 6.16 23.83 13.20
N PRO B 33 5.07 23.99 13.96
CA PRO B 33 3.91 23.10 13.79
C PRO B 33 3.37 23.19 12.37
N THR B 34 3.17 22.04 11.73
CA THR B 34 2.70 22.03 10.36
C THR B 34 1.45 22.88 10.22
N ASP B 35 1.40 23.61 9.11
CA ASP B 35 0.35 24.61 8.86
C ASP B 35 -1.01 24.00 8.63
N PRO B 36 -1.90 24.11 9.64
CA PRO B 36 -3.27 23.63 9.50
C PRO B 36 -3.95 24.30 8.32
N ASN B 37 -3.41 25.45 7.91
CA ASN B 37 -3.93 26.19 6.77
C ASN B 37 -3.10 25.98 5.49
N PRO B 38 -3.40 24.90 4.75
CA PRO B 38 -2.75 24.57 3.49
C PRO B 38 -3.50 25.22 2.33
N GLN B 39 -2.81 25.56 1.25
CA GLN B 39 -3.44 26.26 0.14
C GLN B 39 -2.73 26.05 -1.19
N GLU B 40 -3.01 24.92 -1.84
CA GLU B 40 -2.40 24.63 -3.14
C GLU B 40 -2.92 25.57 -4.23
N MET B 41 -2.00 26.35 -4.79
CA MET B 41 -2.36 27.34 -5.80
C MET B 41 -2.19 26.79 -7.21
N VAL B 42 -3.17 26.01 -7.65
CA VAL B 42 -3.14 25.45 -9.00
C VAL B 42 -3.00 26.56 -10.03
N LEU B 43 -2.31 26.28 -11.12
CA LEU B 43 -2.10 27.26 -12.17
C LEU B 43 -2.22 26.64 -13.53
N ALA B 44 -2.89 27.35 -14.43
CA ALA B 44 -2.98 26.93 -15.83
C ALA B 44 -2.19 27.89 -16.72
N ASN B 45 -1.94 27.48 -17.95
CA ASN B 45 -1.11 28.24 -18.88
C ASN B 45 0.25 28.61 -18.31
N VAL B 46 0.98 27.59 -17.81
CA VAL B 46 2.38 27.70 -17.43
C VAL B 46 3.09 26.37 -17.55
N THR B 47 4.37 26.48 -17.78
CA THR B 47 5.20 25.30 -17.90
C THR B 47 6.64 25.61 -17.52
N GLU B 48 6.96 25.48 -16.24
CA GLU B 48 8.28 25.82 -15.76
C GLU B 48 9.26 24.72 -16.03
N ASN B 49 10.46 24.93 -15.54
CA ASN B 49 11.48 23.90 -15.61
C ASN B 49 12.04 23.54 -14.24
N PHE B 50 12.16 22.24 -13.97
CA PHE B 50 12.69 21.76 -12.71
C PHE B 50 13.98 20.98 -12.93
N ASN B 51 14.84 20.96 -11.92
CA ASN B 51 16.02 20.12 -11.94
C ASN B 51 16.29 19.53 -10.56
N MET B 52 15.75 18.33 -10.33
CA MET B 52 15.90 17.64 -9.06
C MET B 52 17.36 17.47 -8.68
N TRP B 53 18.24 17.48 -9.67
CA TRP B 53 19.66 17.24 -9.44
C TRP B 53 20.41 18.51 -9.05
N LYS B 54 19.76 19.65 -9.23
CA LYS B 54 20.36 20.95 -8.88
C LYS B 54 19.38 21.78 -8.08
N ASN B 55 18.92 21.23 -6.95
CA ASN B 55 17.92 21.87 -6.12
C ASN B 55 18.48 22.19 -4.74
N ASP B 56 18.46 23.46 -4.36
CA ASP B 56 19.03 23.89 -3.09
C ASP B 56 18.23 23.38 -1.90
N MET B 57 17.02 22.96 -2.22
CA MET B 57 16.09 22.42 -1.24
C MET B 57 16.71 21.21 -0.59
N VAL B 58 17.38 20.43 -1.41
CA VAL B 58 18.01 19.18 -1.02
C VAL B 58 19.12 19.41 0.00
N GLU B 59 19.97 20.39 -0.26
CA GLU B 59 21.08 20.70 0.64
C GLU B 59 20.60 21.14 2.01
N GLN B 60 19.55 21.95 2.05
CA GLN B 60 19.01 22.45 3.30
C GLN B 60 18.47 21.31 4.16
N MET B 61 17.71 20.41 3.54
CA MET B 61 17.21 19.24 4.26
C MET B 61 18.38 18.39 4.72
N HIS B 62 19.33 18.19 3.83
CA HIS B 62 20.53 17.42 4.13
C HIS B 62 21.18 17.96 5.41
N GLU B 63 21.26 19.29 5.52
CA GLU B 63 21.90 19.91 6.66
C GLU B 63 21.09 19.73 7.94
N ASP B 64 19.77 19.82 7.82
CA ASP B 64 18.89 19.59 8.97
C ASP B 64 19.04 18.16 9.51
N ILE B 65 19.00 17.19 8.61
CA ILE B 65 19.10 15.79 9.00
C ILE B 65 20.46 15.51 9.66
N ILE B 66 21.50 16.19 9.18
CA ILE B 66 22.81 16.06 9.80
C ILE B 66 22.80 16.59 11.23
N SER B 67 22.18 17.76 11.45
CA SER B 67 22.08 18.31 12.79
C SER B 67 21.10 17.51 13.65
N LEU B 68 20.08 16.95 13.00
CA LEU B 68 19.12 16.08 13.67
C LEU B 68 19.82 14.82 14.20
N TRP B 69 20.63 14.20 13.35
CA TRP B 69 21.40 13.02 13.76
C TRP B 69 22.47 13.40 14.78
N ASP B 70 23.14 14.52 14.53
CA ASP B 70 24.17 15.01 15.44
C ASP B 70 23.66 15.16 16.87
N GLU B 71 22.44 15.65 17.00
CA GLU B 71 21.82 15.82 18.30
C GLU B 71 21.21 14.52 18.83
N SER B 72 20.74 13.69 17.92
CA SER B 72 19.96 12.50 18.28
C SER B 72 20.81 11.24 18.51
N LEU B 73 21.65 10.90 17.52
CA LEU B 73 22.47 9.70 17.59
C LEU B 73 23.90 10.02 18.00
N LYS B 74 24.18 9.86 19.29
CA LYS B 74 25.51 10.11 19.83
C LYS B 74 26.37 8.85 19.80
N PRO B 75 27.38 8.82 18.93
CA PRO B 75 28.32 7.70 18.88
C PRO B 75 29.30 7.76 20.06
N CYS B 76 29.61 6.61 20.63
CA CYS B 76 30.59 6.56 21.72
C CYS B 76 31.87 7.25 21.27
N VAL B 77 32.37 6.85 20.11
CA VAL B 77 33.60 7.42 19.57
C VAL B 77 33.35 7.95 18.17
N LYS B 78 34.11 9.00 17.81
CA LYS B 78 34.00 9.60 16.49
C LYS B 78 35.38 9.91 15.94
N LEU B 79 35.85 9.10 14.99
CA LEU B 79 37.18 9.26 14.43
C LEU B 79 37.13 10.08 13.15
N THR B 80 37.65 11.28 13.17
CA THR B 80 37.57 12.23 12.08
C THR B 80 38.94 12.87 11.90
N GLY B 81 39.34 13.06 10.66
CA GLY B 81 40.66 13.53 10.35
C GLY B 81 41.79 12.98 11.19
N GLY B 82 41.61 11.80 11.74
CA GLY B 82 42.66 11.20 12.55
C GLY B 82 42.54 11.52 14.02
N SER B 83 41.64 12.40 14.38
CA SER B 83 41.45 12.70 15.78
C SER B 83 40.21 12.02 16.23
N ALA B 84 40.31 11.50 17.40
CA ALA B 84 39.21 10.76 18.02
C ALA B 84 38.50 11.53 19.11
N ILE B 85 37.18 11.61 19.00
CA ILE B 85 36.35 12.23 20.01
C ILE B 85 35.45 11.19 20.64
N THR B 86 35.40 11.15 21.96
CA THR B 86 34.51 10.23 22.65
C THR B 86 33.46 10.98 23.46
N GLN B 87 32.44 10.27 23.90
CA GLN B 87 31.34 10.88 24.63
C GLN B 87 30.31 9.82 25.00
N ALA B 88 29.36 10.21 25.85
CA ALA B 88 28.27 9.33 26.21
C ALA B 88 27.46 8.99 24.97
N CYS B 89 27.09 7.72 24.83
CA CYS B 89 26.35 7.27 23.67
C CYS B 89 25.20 6.40 24.13
N PRO B 90 24.20 7.01 24.77
CA PRO B 90 23.04 6.27 25.27
C PRO B 90 22.20 5.73 24.11
N LYS B 91 21.57 4.58 24.31
CA LYS B 91 20.62 4.09 23.34
C LYS B 91 19.36 4.96 23.41
N VAL B 92 18.71 5.15 22.26
CA VAL B 92 17.58 6.07 22.21
C VAL B 92 16.35 5.51 21.52
N SER B 93 15.24 6.24 21.63
CA SER B 93 14.06 5.94 20.85
C SER B 93 14.20 6.63 19.50
N PHE B 94 14.29 5.83 18.44
CA PHE B 94 14.58 6.35 17.11
C PHE B 94 13.57 5.80 16.10
N ASP B 95 12.83 6.72 15.49
CA ASP B 95 11.81 6.36 14.50
C ASP B 95 11.40 7.63 13.77
N PRO B 96 11.83 7.78 12.50
CA PRO B 96 11.63 9.00 11.72
C PRO B 96 10.18 9.46 11.64
N ILE B 97 9.98 10.78 11.64
CA ILE B 97 8.67 11.36 11.41
C ILE B 97 8.74 12.22 10.14
N PRO B 98 7.58 12.45 9.51
CA PRO B 98 7.51 13.29 8.31
C PRO B 98 7.90 14.74 8.59
N LEU B 99 8.78 15.30 7.75
CA LEU B 99 9.18 16.69 7.88
C LEU B 99 8.70 17.48 6.67
N HIS B 100 8.18 18.68 6.93
CA HIS B 100 7.73 19.56 5.87
C HIS B 100 8.70 20.73 5.70
N TYR B 101 8.99 21.09 4.46
CA TYR B 101 9.86 22.23 4.21
C TYR B 101 9.11 23.40 3.57
N CYS B 102 9.18 24.55 4.22
CA CYS B 102 8.37 25.70 3.84
C CYS B 102 9.22 26.89 3.42
N ALA B 103 8.70 27.68 2.49
CA ALA B 103 9.37 28.89 2.04
C ALA B 103 8.90 30.08 2.89
N PRO B 104 9.86 30.91 3.34
CA PRO B 104 9.56 32.05 4.21
C PRO B 104 8.79 33.15 3.48
N ALA B 105 8.31 34.14 4.21
CA ALA B 105 7.58 35.26 3.63
C ALA B 105 8.40 35.94 2.55
N GLY B 106 7.81 36.08 1.36
CA GLY B 106 8.51 36.67 0.24
C GLY B 106 8.88 35.64 -0.81
N PHE B 107 8.69 34.37 -0.46
CA PHE B 107 8.99 33.27 -1.37
C PHE B 107 7.89 32.23 -1.33
N ALA B 108 7.88 31.34 -2.32
CA ALA B 108 6.93 30.24 -2.36
C ALA B 108 7.62 28.96 -2.84
N ILE B 109 6.83 27.90 -3.04
CA ILE B 109 7.38 26.65 -3.53
C ILE B 109 6.57 26.12 -4.71
N LEU B 110 7.20 26.08 -5.88
CA LEU B 110 6.57 25.51 -7.06
C LEU B 110 6.46 23.99 -6.94
N LYS B 111 5.34 23.45 -7.38
CA LYS B 111 5.06 22.03 -7.25
C LYS B 111 4.61 21.45 -8.58
N CYS B 112 5.46 20.64 -9.20
CA CYS B 112 5.11 19.98 -10.45
C CYS B 112 4.05 18.91 -10.20
N ASN B 113 3.00 18.91 -11.02
CA ASN B 113 1.91 17.96 -10.85
C ASN B 113 1.87 16.90 -11.95
N ASN B 114 2.79 17.00 -12.90
CA ASN B 114 2.93 15.99 -13.94
C ASN B 114 3.35 14.66 -13.30
N LYS B 115 2.40 13.74 -13.19
CA LYS B 115 2.60 12.50 -12.45
C LYS B 115 3.60 11.55 -13.11
N THR B 116 4.14 11.96 -14.25
CA THR B 116 5.15 11.16 -14.95
C THR B 116 6.45 11.94 -15.09
N PHE B 117 6.47 13.17 -14.59
CA PHE B 117 7.68 13.99 -14.60
C PHE B 117 8.84 13.24 -13.97
N ASN B 118 9.98 13.22 -14.64
CA ASN B 118 11.13 12.46 -14.18
C ASN B 118 12.21 13.28 -13.48
N GLY B 119 11.83 14.46 -12.99
CA GLY B 119 12.74 15.26 -12.19
C GLY B 119 13.42 16.41 -12.92
N THR B 120 13.82 16.16 -14.17
CA THR B 120 14.50 17.18 -14.96
C THR B 120 13.71 17.55 -16.21
N GLY B 121 13.72 18.83 -16.56
CA GLY B 121 13.06 19.30 -17.77
C GLY B 121 11.79 20.08 -17.53
N PRO B 122 11.01 20.30 -18.59
CA PRO B 122 9.77 21.08 -18.58
C PRO B 122 8.65 20.39 -17.82
N CYS B 123 7.90 21.16 -17.04
CA CYS B 123 6.73 20.65 -16.33
C CYS B 123 5.53 21.54 -16.61
N ARG B 124 4.52 20.98 -17.27
CA ARG B 124 3.35 21.77 -17.66
C ARG B 124 2.41 22.01 -16.49
N ASN B 125 1.76 20.96 -16.00
CA ASN B 125 0.85 21.07 -14.87
C ASN B 125 1.58 21.46 -13.59
N VAL B 126 1.50 22.74 -13.23
CA VAL B 126 2.20 23.25 -12.06
C VAL B 126 1.24 23.70 -10.96
N SER B 127 1.79 24.00 -9.79
CA SER B 127 0.99 24.43 -8.65
C SER B 127 1.86 25.16 -7.63
N THR B 128 1.24 25.88 -6.71
CA THR B 128 1.97 26.63 -5.69
C THR B 128 1.59 26.24 -4.28
N VAL B 129 2.58 25.92 -3.46
CA VAL B 129 2.32 25.54 -2.07
C VAL B 129 3.24 26.30 -1.13
N GLN B 130 2.88 26.37 0.13
CA GLN B 130 3.81 26.96 1.03
C GLN B 130 4.78 25.92 1.59
N CYS B 131 4.30 24.69 1.87
CA CYS B 131 5.18 23.65 2.36
C CYS B 131 5.08 22.41 1.49
N THR B 132 6.17 21.64 1.47
CA THR B 132 6.19 20.36 0.78
C THR B 132 5.32 19.38 1.57
N HIS B 133 5.13 18.17 1.02
CA HIS B 133 4.44 17.13 1.75
C HIS B 133 5.35 16.59 2.85
N GLY B 134 4.80 15.73 3.71
CA GLY B 134 5.57 15.16 4.80
C GLY B 134 6.61 14.17 4.31
N ILE B 135 7.87 14.46 4.61
CA ILE B 135 8.96 13.58 4.17
C ILE B 135 9.72 12.98 5.35
N LYS B 136 9.70 11.66 5.45
CA LYS B 136 10.49 10.98 6.47
C LYS B 136 11.96 10.98 6.03
N PRO B 137 12.83 11.55 6.87
CA PRO B 137 14.27 11.63 6.59
C PRO B 137 14.93 10.28 6.83
N VAL B 138 14.54 9.28 6.03
CA VAL B 138 15.05 7.92 6.17
C VAL B 138 16.42 7.77 5.52
N VAL B 139 17.40 7.49 6.38
CA VAL B 139 18.76 7.27 5.90
C VAL B 139 18.97 5.81 5.52
N SER B 140 19.34 5.57 4.26
CA SER B 140 19.58 4.20 3.79
C SER B 140 20.33 4.17 2.48
N THR B 141 20.67 2.97 2.04
CA THR B 141 21.34 2.78 0.75
C THR B 141 20.65 1.69 -0.03
N GLN B 142 20.87 1.67 -1.34
CA GLN B 142 20.32 0.63 -2.21
C GLN B 142 18.79 0.71 -2.32
N LEU B 143 18.10 0.58 -1.19
CA LEU B 143 16.65 0.63 -1.16
C LEU B 143 16.14 1.89 -0.48
N LEU B 144 15.16 2.55 -1.09
CA LEU B 144 14.52 3.70 -0.48
C LEU B 144 13.28 3.25 0.29
N LEU B 145 13.19 3.68 1.55
CA LEU B 145 12.17 3.15 2.46
C LEU B 145 11.21 4.21 2.98
N ASN B 146 9.95 3.81 3.17
CA ASN B 146 8.93 4.69 3.75
C ASN B 146 8.81 6.02 3.01
N GLY B 147 8.92 5.98 1.70
CA GLY B 147 8.76 7.17 0.88
C GLY B 147 7.39 7.18 0.22
N SER B 148 7.20 8.11 -0.71
CA SER B 148 5.98 8.18 -1.49
C SER B 148 6.11 7.31 -2.73
N LEU B 149 4.97 6.89 -3.28
CA LEU B 149 4.98 6.06 -4.48
C LEU B 149 4.63 6.90 -5.71
N ALA B 150 5.08 6.43 -6.87
CA ALA B 150 4.70 7.06 -8.14
C ALA B 150 3.23 6.77 -8.40
N GLU B 151 2.47 7.79 -8.78
CA GLU B 151 1.03 7.67 -8.97
C GLU B 151 0.66 6.78 -10.15
N GLU B 152 1.31 6.99 -11.27
CA GLU B 152 1.01 6.21 -12.43
C GLU B 152 1.98 5.06 -12.57
N GLU B 153 2.84 5.06 -13.58
CA GLU B 153 3.77 3.97 -13.78
C GLU B 153 5.13 4.27 -13.15
N ILE B 154 5.97 3.25 -13.05
CA ILE B 154 7.31 3.39 -12.49
C ILE B 154 8.09 4.46 -13.24
N ILE B 155 8.83 5.28 -12.49
CA ILE B 155 9.56 6.39 -13.06
C ILE B 155 11.07 6.28 -12.86
N ILE B 156 11.82 6.38 -13.96
CA ILE B 156 13.27 6.30 -13.91
C ILE B 156 13.88 7.70 -13.89
N ARG B 157 14.67 7.99 -12.86
CA ARG B 157 15.26 9.33 -12.71
C ARG B 157 16.78 9.27 -12.77
N SER B 158 17.37 10.19 -13.53
CA SER B 158 18.82 10.28 -13.64
C SER B 158 19.22 11.63 -14.21
N GLU B 159 20.28 12.21 -13.66
CA GLU B 159 20.78 13.49 -14.16
C GLU B 159 21.26 13.32 -15.59
N ASN B 160 21.51 12.08 -15.97
CA ASN B 160 22.00 11.75 -17.31
C ASN B 160 22.17 10.25 -17.46
N LEU B 161 21.15 9.60 -18.05
CA LEU B 161 21.11 8.14 -18.13
C LEU B 161 22.29 7.53 -18.89
N THR B 162 22.78 8.22 -19.92
CA THR B 162 23.89 7.69 -20.71
C THR B 162 25.22 7.85 -20.00
N ASN B 163 25.20 8.54 -18.86
CA ASN B 163 26.38 8.65 -18.01
C ASN B 163 26.31 7.63 -16.89
N ASN B 164 26.99 6.51 -17.06
CA ASN B 164 26.91 5.39 -16.13
C ASN B 164 27.42 5.74 -14.73
N ALA B 165 27.94 6.94 -14.57
CA ALA B 165 28.44 7.39 -13.28
C ALA B 165 27.36 8.07 -12.46
N LYS B 166 26.29 8.48 -13.14
CA LYS B 166 25.18 9.15 -12.47
C LYS B 166 24.20 8.16 -11.84
N THR B 167 23.87 8.39 -10.58
CA THR B 167 22.96 7.51 -9.86
C THR B 167 21.57 7.54 -10.48
N ILE B 168 20.93 6.37 -10.54
CA ILE B 168 19.59 6.27 -11.07
C ILE B 168 18.59 6.07 -9.93
N ILE B 169 17.56 6.90 -9.90
CA ILE B 169 16.53 6.76 -8.87
C ILE B 169 15.24 6.18 -9.44
N VAL B 170 14.93 4.95 -9.05
CA VAL B 170 13.71 4.30 -9.48
C VAL B 170 12.57 4.61 -8.50
N HIS B 171 11.48 5.16 -9.02
CA HIS B 171 10.32 5.49 -8.19
C HIS B 171 9.22 4.46 -8.41
N LEU B 172 9.11 3.50 -7.51
CA LEU B 172 8.13 2.43 -7.63
C LEU B 172 6.70 2.96 -7.44
N ASN B 173 5.74 2.34 -8.13
CA ASN B 173 4.35 2.70 -7.95
C ASN B 173 3.59 1.70 -7.07
N GLU B 174 4.32 0.69 -6.62
CA GLU B 174 3.80 -0.33 -5.73
C GLU B 174 4.90 -0.67 -4.73
N SER B 175 4.62 -0.47 -3.45
CA SER B 175 5.63 -0.72 -2.43
C SER B 175 5.87 -2.21 -2.22
N VAL B 176 7.13 -2.57 -1.99
CA VAL B 176 7.48 -3.93 -1.60
C VAL B 176 7.79 -3.94 -0.10
N ASN B 177 7.07 -4.75 0.64
CA ASN B 177 7.25 -4.82 2.09
C ASN B 177 8.56 -5.51 2.46
N ILE B 178 9.25 -4.98 3.46
CA ILE B 178 10.51 -5.58 3.92
C ILE B 178 10.58 -5.58 5.44
N VAL B 179 10.70 -6.77 6.01
CA VAL B 179 10.76 -6.91 7.46
C VAL B 179 12.14 -7.39 7.90
N CYS B 180 12.82 -6.55 8.68
CA CYS B 180 14.14 -6.90 9.19
C CYS B 180 14.08 -7.10 10.69
N THR B 181 14.80 -8.12 11.18
CA THR B 181 14.70 -8.47 12.58
C THR B 181 15.98 -9.07 13.12
N ARG B 182 16.36 -8.65 14.32
CA ARG B 182 17.31 -9.40 15.12
C ARG B 182 16.53 -10.00 16.28
N PRO B 183 16.31 -11.33 16.20
CA PRO B 183 15.46 -12.05 17.16
C PRO B 183 15.93 -11.93 18.60
N ASN B 184 14.98 -11.97 19.52
CA ASN B 184 15.28 -11.80 20.94
C ASN B 184 16.46 -12.65 21.42
N ASN B 193 24.08 -15.26 18.18
CA ASN B 193 24.80 -14.07 17.75
C ASN B 193 23.93 -12.82 17.85
N ILE B 194 24.27 -11.95 18.79
CA ILE B 194 23.46 -10.76 19.05
C ILE B 194 23.55 -9.72 17.92
N ARG B 195 24.48 -9.91 17.00
CA ARG B 195 24.64 -8.98 15.89
C ARG B 195 24.10 -9.55 14.58
N GLN B 196 23.59 -10.78 14.62
CA GLN B 196 23.02 -11.44 13.46
C GLN B 196 21.57 -11.14 13.31
N ALA B 197 21.20 -10.66 12.13
CA ALA B 197 19.80 -10.37 11.84
C ALA B 197 19.50 -10.81 10.40
N HIS B 198 18.28 -10.55 9.95
CA HIS B 198 17.88 -10.97 8.60
C HIS B 198 16.60 -10.26 8.16
N CYS B 199 16.42 -10.12 6.84
CA CYS B 199 15.23 -9.50 6.29
C CYS B 199 14.43 -10.47 5.44
N ASN B 200 13.12 -10.32 5.42
CA ASN B 200 12.26 -11.14 4.57
C ASN B 200 11.55 -10.32 3.52
N ILE B 201 11.62 -10.77 2.28
CA ILE B 201 10.90 -10.13 1.18
C ILE B 201 10.17 -11.17 0.33
N ASN B 202 8.88 -10.94 0.11
CA ASN B 202 8.08 -11.81 -0.74
C ASN B 202 8.61 -11.82 -2.16
N GLU B 203 9.03 -12.98 -2.65
CA GLU B 203 9.61 -13.08 -3.98
C GLU B 203 8.62 -12.73 -5.08
N SER B 204 7.35 -13.05 -4.87
CA SER B 204 6.32 -12.72 -5.84
C SER B 204 6.29 -11.21 -6.08
N LYS B 205 6.24 -10.45 -5.00
CA LYS B 205 6.23 -8.99 -5.08
C LYS B 205 7.50 -8.46 -5.73
N TRP B 206 8.63 -9.13 -5.46
CA TRP B 206 9.91 -8.70 -6.01
C TRP B 206 10.04 -9.10 -7.47
N ASN B 207 9.60 -10.30 -7.81
CA ASN B 207 9.48 -10.74 -9.19
C ASN B 207 8.81 -9.66 -10.02
N ASN B 208 7.56 -9.38 -9.64
CA ASN B 208 6.74 -8.39 -10.30
C ASN B 208 7.41 -7.01 -10.32
N THR B 209 8.08 -6.65 -9.25
CA THR B 209 8.76 -5.36 -9.14
C THR B 209 9.85 -5.21 -10.19
N LEU B 210 10.75 -6.18 -10.26
CA LEU B 210 11.84 -6.12 -11.22
C LEU B 210 11.37 -6.39 -12.65
N GLN B 211 10.24 -7.06 -12.79
CA GLN B 211 9.62 -7.25 -14.09
C GLN B 211 9.26 -5.89 -14.68
N LYS B 212 8.49 -5.11 -13.91
CA LYS B 212 8.09 -3.78 -14.31
C LYS B 212 9.32 -2.87 -14.48
N VAL B 213 10.14 -2.80 -13.43
CA VAL B 213 11.35 -1.98 -13.49
C VAL B 213 12.18 -2.35 -14.70
N GLY B 214 12.22 -3.64 -15.03
CA GLY B 214 12.95 -4.11 -16.19
C GLY B 214 12.36 -3.56 -17.48
N GLU B 215 11.04 -3.45 -17.53
CA GLU B 215 10.35 -2.90 -18.69
C GLU B 215 10.69 -1.42 -18.88
N GLU B 216 10.49 -0.64 -17.83
CA GLU B 216 10.76 0.79 -17.88
C GLU B 216 12.20 1.07 -18.29
N LEU B 217 13.12 0.20 -17.85
CA LEU B 217 14.52 0.34 -18.21
C LEU B 217 14.74 -0.10 -19.66
N ALA B 218 14.13 -1.21 -20.02
CA ALA B 218 14.22 -1.74 -21.38
C ALA B 218 13.92 -0.64 -22.40
N LYS B 219 13.03 0.28 -22.03
CA LYS B 219 12.70 1.41 -22.88
C LYS B 219 13.90 2.32 -23.10
N HIS B 220 14.34 2.98 -22.02
CA HIS B 220 15.45 3.91 -22.09
C HIS B 220 16.70 3.29 -22.72
N PHE B 221 16.75 1.96 -22.72
CA PHE B 221 17.86 1.25 -23.34
C PHE B 221 17.37 0.27 -24.40
N PRO B 222 17.29 0.75 -25.65
CA PRO B 222 16.71 0.09 -26.83
C PRO B 222 16.41 -1.39 -26.63
N SER B 223 17.34 -2.25 -27.05
CA SER B 223 17.12 -3.69 -26.96
C SER B 223 18.35 -4.41 -26.42
N LYS B 224 18.49 -4.42 -25.10
CA LYS B 224 19.61 -5.07 -24.45
C LYS B 224 19.11 -6.15 -23.49
N THR B 225 20.02 -7.00 -23.03
CA THR B 225 19.72 -7.95 -21.97
C THR B 225 19.98 -7.26 -20.63
N ILE B 226 18.90 -6.81 -20.00
CA ILE B 226 19.01 -6.05 -18.75
C ILE B 226 19.21 -6.95 -17.53
N LYS B 227 20.43 -6.96 -17.00
CA LYS B 227 20.75 -7.75 -15.82
C LYS B 227 20.81 -6.93 -14.55
N PHE B 228 20.45 -7.56 -13.43
CA PHE B 228 20.58 -6.95 -12.11
C PHE B 228 21.58 -7.75 -11.30
N GLU B 229 22.63 -7.08 -10.84
CA GLU B 229 23.66 -7.73 -10.04
C GLU B 229 23.99 -6.94 -8.79
N PRO B 230 24.52 -7.62 -7.76
CA PRO B 230 24.96 -6.98 -6.51
C PRO B 230 26.02 -5.92 -6.77
N SER B 231 26.25 -5.05 -5.78
CA SER B 231 27.25 -3.99 -5.91
C SER B 231 28.65 -4.56 -6.06
N SER B 232 29.35 -4.12 -7.10
CA SER B 232 30.65 -4.68 -7.44
C SER B 232 31.63 -4.67 -6.27
N GLY B 233 31.56 -3.63 -5.44
CA GLY B 233 32.43 -3.52 -4.29
C GLY B 233 32.42 -2.14 -3.67
N GLY B 234 33.19 -1.94 -2.63
CA GLY B 234 33.16 -0.71 -1.91
C GLY B 234 32.91 -0.95 -0.45
N ASP B 235 32.63 0.13 0.25
CA ASP B 235 32.35 0.14 1.65
C ASP B 235 31.05 -0.58 1.85
N LEU B 236 30.91 -1.22 2.98
CA LEU B 236 29.75 -1.99 3.34
C LEU B 236 28.40 -1.27 3.36
N GLU B 237 28.45 0.04 3.60
CA GLU B 237 27.26 0.83 3.72
C GLU B 237 26.59 0.82 2.38
N ILE B 238 27.39 0.69 1.33
CA ILE B 238 26.85 0.74 0.02
C ILE B 238 26.82 -0.55 -0.78
N THR B 239 27.62 -1.51 -0.41
CA THR B 239 27.62 -2.86 -0.99
C THR B 239 26.53 -3.72 -0.35
N THR B 240 25.91 -3.17 0.69
CA THR B 240 24.77 -3.81 1.31
C THR B 240 23.66 -2.79 1.47
N HIS B 241 22.45 -3.27 1.75
CA HIS B 241 21.35 -2.40 2.10
C HIS B 241 21.50 -2.00 3.56
N SER B 242 22.09 -0.83 3.79
CA SER B 242 22.26 -0.34 5.16
C SER B 242 21.17 0.68 5.50
N PHE B 243 20.80 0.71 6.77
CA PHE B 243 19.76 1.60 7.25
C PHE B 243 19.80 1.57 8.78
N ASN B 244 19.03 2.44 9.41
CA ASN B 244 18.95 2.45 10.87
C ASN B 244 17.60 1.94 11.33
N CYS B 245 17.63 1.00 12.26
CA CYS B 245 16.40 0.44 12.81
C CYS B 245 16.41 0.53 14.34
N ARG B 246 15.57 1.41 14.88
CA ARG B 246 15.50 1.61 16.32
C ARG B 246 16.86 1.98 16.91
N GLY B 247 17.64 2.74 16.15
CA GLY B 247 18.92 3.23 16.62
C GLY B 247 20.07 2.31 16.28
N GLU B 248 19.74 1.10 15.81
CA GLU B 248 20.76 0.11 15.47
C GLU B 248 21.05 0.13 13.98
N PHE B 249 22.33 0.05 13.63
CA PHE B 249 22.75 0.11 12.23
C PHE B 249 22.78 -1.25 11.56
N PHE B 250 21.78 -1.52 10.72
CA PHE B 250 21.69 -2.79 10.01
C PHE B 250 22.45 -2.75 8.68
N TYR B 251 23.18 -3.82 8.39
CA TYR B 251 23.81 -4.01 7.10
C TYR B 251 23.31 -5.33 6.51
N CYS B 252 22.45 -5.23 5.49
CA CYS B 252 21.77 -6.41 4.95
C CYS B 252 22.22 -6.77 3.54
N ASN B 253 22.64 -8.02 3.38
CA ASN B 253 23.12 -8.53 2.10
C ASN B 253 21.99 -8.62 1.07
N THR B 254 22.26 -8.15 -0.15
CA THR B 254 21.26 -8.14 -1.20
C THR B 254 21.71 -8.91 -2.44
N SER B 255 22.69 -9.81 -2.26
CA SER B 255 23.20 -10.59 -3.39
C SER B 255 22.14 -11.52 -3.96
N ASP B 256 21.11 -11.82 -3.18
CA ASP B 256 19.99 -12.64 -3.64
C ASP B 256 18.80 -11.79 -4.06
N LEU B 257 18.91 -10.48 -3.86
CA LEU B 257 17.83 -9.56 -4.18
C LEU B 257 18.04 -8.95 -5.57
N PHE B 258 19.19 -8.33 -5.76
CA PHE B 258 19.57 -7.83 -7.07
C PHE B 258 20.32 -8.93 -7.82
N ASN B 259 19.56 -9.95 -8.23
CA ASN B 259 20.13 -11.13 -8.87
C ASN B 259 19.14 -11.73 -9.85
N GLY B 260 19.14 -11.23 -11.08
CA GLY B 260 18.23 -11.71 -12.11
C GLY B 260 18.51 -11.07 -13.46
N THR B 261 17.70 -11.42 -14.46
CA THR B 261 17.87 -10.84 -15.80
C THR B 261 16.54 -10.63 -16.50
N TYR B 262 16.44 -9.52 -17.24
CA TYR B 262 15.24 -9.19 -17.99
C TYR B 262 15.52 -9.23 -19.49
N ARG B 263 15.02 -10.27 -20.15
CA ARG B 263 15.25 -10.46 -21.58
C ARG B 263 13.98 -10.95 -22.28
N ASN B 264 13.78 -10.50 -23.51
CA ASN B 264 12.59 -10.86 -24.27
C ASN B 264 11.29 -10.51 -23.55
N GLY B 265 11.29 -9.37 -22.87
CA GLY B 265 10.10 -8.88 -22.19
C GLY B 265 9.72 -9.69 -20.96
N THR B 266 10.65 -10.48 -20.46
CA THR B 266 10.39 -11.31 -19.29
C THR B 266 11.55 -11.25 -18.28
N TYR B 267 11.20 -11.22 -16.99
CA TYR B 267 12.20 -11.21 -15.94
C TYR B 267 12.37 -12.58 -15.31
N ASN B 268 13.62 -12.98 -15.08
CA ASN B 268 13.93 -14.25 -14.45
C ASN B 268 14.82 -14.05 -13.22
N HIS B 269 14.25 -14.23 -12.04
CA HIS B 269 14.98 -14.08 -10.80
C HIS B 269 15.93 -15.22 -10.58
N THR B 270 17.23 -14.92 -10.63
CA THR B 270 18.25 -15.94 -10.43
C THR B 270 18.71 -15.98 -8.97
N GLY B 271 18.14 -15.09 -8.16
CA GLY B 271 18.49 -15.03 -6.75
C GLY B 271 17.99 -16.21 -5.96
N ARG B 272 18.63 -16.50 -4.84
CA ARG B 272 18.24 -17.62 -3.99
C ARG B 272 16.96 -17.31 -3.22
N SER B 273 15.99 -18.22 -3.29
CA SER B 273 14.73 -18.05 -2.60
C SER B 273 14.29 -19.33 -1.92
N SER B 274 13.59 -19.20 -0.80
CA SER B 274 13.13 -20.36 -0.04
C SER B 274 11.65 -20.24 0.34
N ASN B 275 10.83 -21.14 -0.20
CA ASN B 275 9.40 -21.13 0.06
C ASN B 275 8.74 -19.80 -0.29
N GLY B 276 9.21 -19.20 -1.38
CA GLY B 276 8.59 -17.99 -1.90
C GLY B 276 9.05 -16.68 -1.27
N THR B 277 10.01 -16.77 -0.35
CA THR B 277 10.52 -15.55 0.28
C THR B 277 12.04 -15.43 0.20
N ILE B 278 12.50 -14.24 -0.16
CA ILE B 278 13.91 -13.91 -0.20
C ILE B 278 14.32 -13.37 1.15
N THR B 279 15.38 -13.93 1.74
CA THR B 279 15.85 -13.43 3.02
C THR B 279 17.24 -12.84 2.91
N LEU B 280 17.40 -11.64 3.45
CA LEU B 280 18.70 -10.97 3.47
C LEU B 280 19.39 -11.28 4.79
N GLN B 281 20.65 -11.68 4.72
CA GLN B 281 21.44 -11.88 5.91
C GLN B 281 22.00 -10.55 6.37
N CYS B 282 21.71 -10.17 7.62
CA CYS B 282 22.07 -8.86 8.13
C CYS B 282 23.12 -8.89 9.23
N LYS B 283 23.74 -7.74 9.46
CA LYS B 283 24.78 -7.58 10.45
C LYS B 283 24.55 -6.21 11.11
N ILE B 284 24.28 -6.20 12.41
CA ILE B 284 24.23 -4.93 13.15
C ILE B 284 25.65 -4.53 13.51
N LYS B 285 26.13 -3.43 12.92
CA LYS B 285 27.51 -3.00 13.10
C LYS B 285 27.67 -1.83 14.08
N GLN B 286 28.80 -1.82 14.79
CA GLN B 286 29.14 -0.74 15.70
C GLN B 286 29.96 0.34 14.99
N ILE B 287 30.87 -0.10 14.13
CA ILE B 287 31.72 0.83 13.38
C ILE B 287 31.07 1.20 12.06
N ILE B 288 30.77 2.49 11.90
CA ILE B 288 30.05 2.98 10.73
C ILE B 288 30.85 4.02 9.99
N ASN B 289 30.86 3.95 8.66
CA ASN B 289 31.37 5.05 7.84
C ASN B 289 30.25 6.08 7.72
N MET B 290 30.48 7.27 8.25
CA MET B 290 29.43 8.28 8.32
C MET B 290 28.99 8.79 6.94
N TRP B 291 27.70 9.05 6.81
CA TRP B 291 27.16 9.65 5.59
C TRP B 291 27.19 11.17 5.70
N GLN B 292 27.18 11.67 6.93
CA GLN B 292 27.15 13.11 7.17
C GLN B 292 28.46 13.76 6.72
N GLU B 293 29.57 13.11 7.04
CA GLU B 293 30.90 13.62 6.72
C GLU B 293 31.84 12.44 6.56
N VAL B 294 33.01 12.69 6.02
CA VAL B 294 34.02 11.65 5.88
C VAL B 294 34.62 11.32 7.24
N GLY B 295 34.27 10.16 7.78
CA GLY B 295 34.79 9.74 9.06
C GLY B 295 34.11 8.50 9.57
N ARG B 296 34.58 8.00 10.72
CA ARG B 296 34.03 6.79 11.31
C ARG B 296 33.44 7.05 12.70
N ALA B 297 32.28 6.45 12.96
CA ALA B 297 31.61 6.58 14.25
C ALA B 297 31.47 5.19 14.85
N ILE B 298 31.68 5.10 16.15
CA ILE B 298 31.59 3.82 16.84
C ILE B 298 30.49 3.88 17.89
N TYR B 299 29.53 2.97 17.78
CA TYR B 299 28.40 2.93 18.69
C TYR B 299 28.47 1.72 19.61
N ALA B 300 27.68 1.72 20.67
CA ALA B 300 27.67 0.60 21.61
C ALA B 300 26.96 -0.60 21.02
N PRO B 301 27.24 -1.79 21.57
CA PRO B 301 26.61 -3.04 21.13
C PRO B 301 25.09 -2.92 21.10
N PRO B 302 24.42 -3.78 20.33
CA PRO B 302 22.97 -3.68 20.14
C PRO B 302 22.19 -3.90 21.44
N ILE B 303 21.07 -3.19 21.56
CA ILE B 303 20.17 -3.37 22.70
C ILE B 303 19.65 -4.81 22.74
N GLU B 304 19.09 -5.20 23.87
CA GLU B 304 18.55 -6.55 24.03
C GLU B 304 17.12 -6.64 23.53
N GLY B 305 16.63 -7.88 23.38
CA GLY B 305 15.27 -8.10 22.93
C GLY B 305 15.16 -8.18 21.42
N GLU B 306 13.94 -8.27 20.92
CA GLU B 306 13.72 -8.32 19.48
C GLU B 306 13.84 -6.93 18.86
N ILE B 307 14.75 -6.80 17.90
CA ILE B 307 14.92 -5.54 17.17
C ILE B 307 14.40 -5.72 15.76
N THR B 308 13.17 -5.25 15.52
CA THR B 308 12.55 -5.46 14.22
C THR B 308 11.96 -4.18 13.62
N CYS B 309 12.14 -4.03 12.31
CA CYS B 309 11.58 -2.91 11.57
C CYS B 309 10.83 -3.40 10.34
N ASN B 310 9.52 -3.17 10.34
CA ASN B 310 8.67 -3.48 9.20
C ASN B 310 8.53 -2.24 8.34
N SER B 311 9.17 -2.23 7.17
CA SER B 311 9.23 -1.04 6.32
C SER B 311 8.66 -1.30 4.93
N ASN B 312 8.51 -0.23 4.16
CA ASN B 312 8.09 -0.34 2.77
C ASN B 312 9.14 0.18 1.80
N ILE B 313 9.50 -0.65 0.84
CA ILE B 313 10.39 -0.25 -0.23
C ILE B 313 9.57 0.55 -1.24
N THR B 314 9.85 1.84 -1.37
CA THR B 314 9.11 2.69 -2.27
C THR B 314 9.94 3.15 -3.46
N GLY B 315 11.22 2.79 -3.46
CA GLY B 315 12.11 3.17 -4.55
C GLY B 315 13.43 2.43 -4.52
N LEU B 316 14.18 2.54 -5.60
CA LEU B 316 15.49 1.92 -5.71
C LEU B 316 16.55 2.94 -6.11
N LEU B 317 17.80 2.70 -5.70
CA LEU B 317 18.94 3.48 -6.16
C LEU B 317 19.83 2.56 -6.96
N LEU B 318 20.03 2.87 -8.24
CA LEU B 318 20.80 1.99 -9.12
C LEU B 318 21.99 2.68 -9.78
N LEU B 319 22.93 1.87 -10.24
CA LEU B 319 24.07 2.34 -11.02
C LEU B 319 24.33 1.37 -12.16
N ARG B 320 24.39 1.89 -13.38
CA ARG B 320 24.65 1.06 -14.56
C ARG B 320 26.15 0.98 -14.84
N ASP B 321 26.61 -0.21 -15.21
CA ASP B 321 28.01 -0.44 -15.49
C ASP B 321 28.46 0.34 -16.73
N ASP B 330 25.29 -5.62 -26.08
CA ASP B 330 24.58 -6.86 -25.80
C ASP B 330 23.77 -6.77 -24.51
N THR B 331 24.47 -6.59 -23.40
CA THR B 331 23.83 -6.62 -22.09
C THR B 331 24.20 -5.43 -21.21
N GLU B 332 23.18 -4.83 -20.58
CA GLU B 332 23.39 -3.76 -19.61
C GLU B 332 23.25 -4.31 -18.20
N THR B 333 24.17 -3.94 -17.32
CA THR B 333 24.14 -4.44 -15.95
C THR B 333 23.88 -3.32 -14.94
N PHE B 334 22.86 -3.52 -14.09
CA PHE B 334 22.51 -2.54 -13.07
C PHE B 334 22.75 -3.10 -11.67
N ARG B 335 23.31 -2.26 -10.80
CA ARG B 335 23.63 -2.67 -9.44
C ARG B 335 23.12 -1.66 -8.44
N PRO B 336 22.81 -2.12 -7.21
CA PRO B 336 22.33 -1.22 -6.17
C PRO B 336 23.36 -0.15 -5.84
N GLY B 337 22.92 1.07 -5.65
CA GLY B 337 23.82 2.18 -5.35
C GLY B 337 23.46 2.89 -4.05
N GLY B 338 23.79 4.17 -3.97
CA GLY B 338 23.55 4.95 -2.77
C GLY B 338 24.81 5.46 -2.12
N GLY B 339 24.68 6.03 -0.93
CA GLY B 339 25.82 6.60 -0.23
C GLY B 339 25.66 8.09 0.01
N ASP B 340 25.30 8.82 -1.04
CA ASP B 340 25.02 10.24 -0.93
C ASP B 340 23.55 10.44 -0.55
N MET B 341 23.37 10.65 0.82
CA MET B 341 21.99 10.73 1.31
C MET B 341 21.17 11.83 0.64
N ARG B 342 21.84 12.73 -0.08
CA ARG B 342 21.13 13.78 -0.79
C ARG B 342 20.20 13.19 -1.84
N ASP B 343 20.58 12.03 -2.37
CA ASP B 343 19.74 11.33 -3.34
C ASP B 343 18.47 10.82 -2.68
N ASN B 344 18.56 10.49 -1.40
CA ASN B 344 17.39 10.06 -0.64
C ASN B 344 16.39 11.19 -0.49
N TRP B 345 16.90 12.41 -0.28
CA TRP B 345 16.05 13.58 -0.19
C TRP B 345 15.49 13.91 -1.57
N ARG B 346 16.32 13.73 -2.60
CA ARG B 346 15.90 14.02 -3.97
C ARG B 346 14.68 13.23 -4.40
N SER B 347 14.58 11.99 -3.94
CA SER B 347 13.50 11.10 -4.36
C SER B 347 12.13 11.60 -3.92
N GLU B 348 12.11 12.54 -2.97
CA GLU B 348 10.86 13.11 -2.49
C GLU B 348 10.73 14.58 -2.88
N LEU B 349 11.87 15.25 -3.03
CA LEU B 349 11.89 16.69 -3.30
C LEU B 349 11.97 17.02 -4.79
N TYR B 350 11.93 16.01 -5.65
CA TYR B 350 12.07 16.22 -7.08
C TYR B 350 10.91 17.05 -7.63
N LYS B 351 9.75 16.98 -6.96
CA LYS B 351 8.56 17.71 -7.37
C LYS B 351 8.67 19.21 -7.15
N TYR B 352 9.53 19.60 -6.21
CA TYR B 352 9.53 20.97 -5.72
C TYR B 352 10.64 21.85 -6.27
N LYS B 353 10.46 23.16 -6.07
CA LYS B 353 11.40 24.17 -6.55
C LYS B 353 11.07 25.49 -5.89
N VAL B 354 12.03 26.03 -5.12
CA VAL B 354 11.81 27.29 -4.43
C VAL B 354 11.87 28.46 -5.41
N VAL B 355 10.88 29.35 -5.33
CA VAL B 355 10.79 30.50 -6.23
C VAL B 355 10.49 31.80 -5.49
N GLU B 356 10.78 32.92 -6.13
CA GLU B 356 10.59 34.23 -5.52
C GLU B 356 9.30 34.88 -6.02
N01 1C1 C . -31.82 0.05 2.46
C02 1C1 C . -31.04 0.26 3.51
N03 1C1 C . -30.28 -0.76 4.22
C04 1C1 C . -30.33 -2.20 3.99
C05 1C1 C . -29.00 -2.74 3.50
C06 1C1 C . -28.79 -4.14 3.98
C07 1C1 C . -28.99 -4.99 2.75
C08 1C1 C . -29.07 -6.46 2.63
C09 1C1 C . -29.21 -7.02 1.36
C10 1C1 C . -29.33 -6.24 0.21
C11 1C1 C . -29.27 -4.84 0.30
C12 1C1 C . -29.09 -4.22 1.65
C13 1C1 C . -28.97 -2.79 2.06
N14 1C1 C . -27.70 -2.32 1.57
C15 1C1 C . -27.44 -1.01 1.02
O16 1C1 C . -28.28 -0.22 0.76
C17 1C1 C . -26.10 -0.86 0.46
O18 1C1 C . -25.37 -1.84 0.44
N19 1C1 C . -25.67 0.49 0.24
C20 1C1 C . -24.34 0.93 -0.02
C21 1C1 C . -23.48 0.16 -0.60
C22 1C1 C . -22.26 0.54 -1.09
F23 1C1 C . -21.41 -0.27 -1.65
C24 1C1 C . -21.98 1.94 -0.88
CL1 1C1 C . -20.47 2.49 -1.44
C26 1C1 C . -22.93 2.77 -0.24
C27 1C1 C . -24.09 2.22 0.18
N28 1C1 C . -30.96 1.48 3.92
C1 NAG D . -17.51 -26.74 1.16
C2 NAG D . -18.82 -27.13 0.46
C3 NAG D . -19.73 -27.97 1.34
C4 NAG D . -18.96 -29.05 2.08
C5 NAG D . -17.74 -28.46 2.76
C6 NAG D . -16.96 -29.50 3.53
C7 NAG D . -19.75 -25.66 -1.24
C8 NAG D . -20.77 -24.59 -1.52
N2 NAG D . -19.52 -25.93 0.05
O3 NAG D . -20.72 -28.57 0.53
O4 NAG D . -19.79 -29.64 3.07
O5 NAG D . -16.91 -27.86 1.78
O6 NAG D . -15.95 -28.85 4.28
O7 NAG D . -19.18 -26.25 -2.15
C1 NAG E . -7.72 -0.25 -3.67
C2 NAG E . -8.40 1.13 -3.60
C3 NAG E . -7.64 2.13 -4.46
C4 NAG E . -6.18 2.14 -4.06
C5 NAG E . -5.62 0.72 -4.15
C6 NAG E . -4.15 0.69 -3.74
C7 NAG E . -10.81 1.29 -3.29
C8 NAG E . -12.16 1.15 -3.93
N2 NAG E . -9.77 1.03 -4.07
O3 NAG E . -8.21 3.42 -4.31
O4 NAG E . -5.45 3.01 -4.89
O5 NAG E . -6.36 -0.16 -3.32
O6 NAG E . -4.03 1.27 -2.45
O7 NAG E . -10.70 1.62 -2.11
C1 NAG F . -30.05 -25.74 1.34
C2 NAG F . -30.43 -26.73 2.45
C3 NAG F . -31.35 -27.84 1.95
C4 NAG F . -32.48 -27.29 1.10
C5 NAG F . -31.92 -26.38 0.01
C6 NAG F . -33.04 -25.75 -0.80
C7 NAG F . -29.00 -27.24 4.35
C8 NAG F . -27.87 -28.08 4.88
N2 NAG F . -29.24 -27.33 3.05
O3 NAG F . -31.88 -28.52 3.06
O4 NAG F . -33.18 -28.36 0.52
O5 NAG F . -31.17 -25.34 0.59
O6 NAG F . -33.54 -24.63 -0.10
O7 NAG F . -29.64 -26.53 5.11
C1 NAG G . -6.71 -20.40 -10.36
C2 NAG G . -5.72 -21.34 -11.04
C3 NAG G . -6.36 -22.00 -12.25
C4 NAG G . -7.62 -22.73 -11.81
C5 NAG G . -8.52 -21.82 -10.97
C6 NAG G . -9.66 -22.63 -10.35
C7 NAG G . -3.34 -21.02 -10.83
C8 NAG G . -3.40 -22.12 -9.81
N2 NAG G . -4.49 -20.66 -11.40
O3 NAG G . -5.47 -22.91 -12.84
O4 NAG G . -8.31 -23.17 -12.95
O5 NAG G . -7.80 -21.18 -9.93
O6 NAG G . -10.52 -23.08 -11.37
O7 NAG G . -2.26 -20.48 -11.11
C1 NAG H . -11.61 -12.14 -24.61
C2 NAG H . -11.98 -12.81 -25.92
C3 NAG H . -10.93 -12.53 -26.99
C4 NAG H . -10.61 -11.05 -27.06
C5 NAG H . -10.32 -10.48 -25.67
C6 NAG H . -10.07 -8.98 -25.74
C7 NAG H . -13.21 -14.76 -25.17
C8 NAG H . -13.13 -16.21 -24.81
N2 NAG H . -12.12 -14.24 -25.73
O3 NAG H . -11.41 -12.98 -28.26
O4 NAG H . -9.46 -10.85 -27.91
O5 NAG H . -11.42 -10.74 -24.82
O6 NAG H . -10.97 -8.39 -26.68
O7 NAG H . -14.22 -14.10 -24.95
C1 NAG I . -26.96 -0.42 -17.14
C2 NAG I . -28.39 -0.09 -16.67
C3 NAG I . -29.42 -0.61 -17.67
C4 NAG I . -29.04 -0.23 -19.10
C5 NAG I . -27.58 -0.59 -19.38
C6 NAG I . -27.19 -0.16 -20.79
C7 NAG I . -28.93 0.13 -14.31
C8 NAG I . -29.00 -0.54 -12.97
N2 NAG I . -28.62 -0.65 -15.35
O3 NAG I . -30.68 -0.05 -17.37
O4 NAG I . -29.87 -0.93 -20.00
O5 NAG I . -26.75 0.05 -18.45
O6 NAG I . -27.56 1.20 -20.97
O7 NAG I . -29.16 1.34 -14.42
C1 NAG J . -25.45 -8.10 -22.75
C2 NAG J . -26.88 -7.78 -22.30
C3 NAG J . -27.67 -7.10 -23.42
C4 NAG J . -26.88 -5.93 -23.98
C5 NAG J . -25.50 -6.40 -24.41
C6 NAG J . -24.67 -5.27 -25.00
C7 NAG J . -28.19 -9.01 -20.66
C8 NAG J . -28.58 -7.70 -20.04
N2 NAG J . -27.58 -8.96 -21.85
O3 NAG J . -28.90 -6.62 -22.91
O4 NAG J . -27.59 -5.38 -25.08
O5 NAG J . -24.82 -6.96 -23.32
O6 NAG J . -24.63 -4.18 -24.10
O7 NAG J . -28.42 -10.06 -20.07
N01 1C1 K . 33.25 7.41 3.35
C02 1C1 K . 32.71 8.28 4.19
N03 1C1 K . 31.79 9.35 3.82
C04 1C1 K . 31.40 9.73 2.46
C05 1C1 K . 29.93 9.46 2.20
C06 1C1 K . 29.45 10.24 1.00
C07 1C1 K . 29.35 9.20 -0.09
C08 1C1 K . 29.09 9.41 -1.53
C09 1C1 K . 28.99 8.27 -2.35
C10 1C1 K . 29.17 6.98 -1.86
C11 1C1 K . 29.44 6.78 -0.50
C12 1C1 K . 29.53 7.96 0.39
C13 1C1 K . 29.76 8.06 1.86
N14 1C1 K . 28.60 7.53 2.51
C15 1C1 K . 28.58 6.70 3.68
O16 1C1 K . 29.54 6.19 4.16
C17 1C1 K . 27.25 6.18 4.03
O18 1C1 K . 26.34 6.37 3.27
N19 1C1 K . 27.11 5.73 5.39
C20 1C1 K . 25.88 5.45 6.07
C21 1C1 K . 24.83 5.07 5.42
C22 1C1 K . 23.68 4.58 5.99
F23 1C1 K . 22.64 4.23 5.30
C24 1C1 K . 23.73 4.53 7.42
CL1 1C1 K . 22.33 3.96 8.19
C26 1C1 K . 24.87 4.95 8.12
C27 1C1 K . 25.93 5.41 7.39
N28 1C1 K . 33.04 8.17 5.42
C FMT L . 36.13 7.18 6.37
O1 FMT L . 35.25 6.31 6.35
O2 FMT L . 36.64 7.57 7.42
C1 NAG M . 14.01 13.36 -18.44
C2 NAG M . 14.62 12.29 -19.32
C3 NAG M . 15.12 12.91 -20.62
C4 NAG M . 13.98 13.68 -21.29
C5 NAG M . 13.31 14.65 -20.31
C6 NAG M . 12.08 15.28 -20.95
C7 NAG M . 15.57 10.31 -18.33
C8 NAG M . 16.77 9.66 -17.70
N2 NAG M . 15.69 11.59 -18.64
O3 NAG M . 15.60 11.91 -21.48
O4 NAG M . 14.49 14.40 -22.39
O5 NAG M . 12.93 13.98 -19.12
O6 NAG M . 11.41 16.06 -19.98
O7 NAG M . 14.54 9.66 -18.54
C1 NAG N . 9.21 2.78 8.09
C2 NAG N . 10.29 2.53 9.15
C3 NAG N . 9.78 1.54 10.19
C4 NAG N . 8.49 2.08 10.77
C5 NAG N . 7.50 2.34 9.63
C6 NAG N . 6.14 2.84 10.14
C7 NAG N . 12.68 2.65 8.90
C8 NAG N . 13.92 2.08 8.26
N2 NAG N . 11.53 2.08 8.56
O3 NAG N . 10.75 1.38 11.21
O4 NAG N . 7.94 1.17 11.70
O5 NAG N . 8.04 3.25 8.72
O6 NAG N . 6.33 4.00 10.92
O7 NAG N . 12.76 3.58 9.69
C1 NAG O . 25.54 12.84 -20.36
C2 NAG O . 25.68 14.34 -20.62
C3 NAG O . 25.43 14.65 -22.09
C4 NAG O . 26.33 13.76 -22.95
C5 NAG O . 26.19 12.29 -22.57
C6 NAG O . 27.14 11.41 -23.37
C7 NAG O . 23.74 15.75 -20.14
C8 NAG O . 22.64 14.97 -20.82
N2 NAG O . 24.79 15.06 -19.72
O3 NAG O . 25.71 16.00 -22.35
O4 NAG O . 26.01 13.92 -24.32
O5 NAG O . 26.43 12.11 -21.19
O6 NAG O . 28.47 11.82 -23.15
O7 NAG O . 23.62 16.96 -19.99
C1 NAG P . 2.87 0.36 -11.91
C2 NAG P . 1.39 0.20 -12.24
C3 NAG P . 1.20 -0.97 -13.19
C4 NAG P . 2.14 -0.86 -14.39
C5 NAG P . 3.57 -0.49 -13.99
C6 NAG P . 4.39 -0.14 -15.22
C7 NAG P . -0.23 0.96 -10.57
C8 NAG P . -0.32 2.23 -11.38
N2 NAG P . 0.60 0.02 -11.03
O3 NAG P . -0.14 -1.02 -13.64
O4 NAG P . 2.17 -2.10 -15.08
O5 NAG P . 3.59 0.59 -13.10
O6 NAG P . 5.64 0.37 -14.83
O7 NAG P . -0.89 0.83 -9.55
C1 NAG Q . 26.62 -11.12 0.43
C2 NAG Q . 28.09 -10.70 0.39
C3 NAG Q . 28.89 -11.55 -0.60
C4 NAG Q . 28.63 -13.03 -0.35
C5 NAG Q . 27.13 -13.30 -0.33
C6 NAG Q . 26.87 -14.78 -0.04
C7 NAG Q . 28.84 -8.44 0.85
C8 NAG Q . 29.52 -7.28 0.19
N2 NAG Q . 28.21 -9.29 0.06
O3 NAG Q . 30.27 -11.27 -0.45
O4 NAG Q . 29.24 -13.79 -1.37
O5 NAG Q . 26.49 -12.51 0.65
O6 NAG Q . 25.50 -15.04 -0.22
O7 NAG Q . 28.90 -8.58 2.07
C1 NAG R . 23.15 -14.87 -7.36
C2 NAG R . 24.66 -14.76 -7.31
C3 NAG R . 25.32 -16.14 -7.38
C4 NAG R . 24.69 -17.09 -6.37
C5 NAG R . 23.17 -17.05 -6.46
C6 NAG R . 22.52 -17.95 -5.41
C7 NAG R . 25.99 -12.93 -8.21
C8 NAG R . 26.42 -12.69 -6.80
N2 NAG R . 25.14 -13.94 -8.42
O3 NAG R . 26.70 -16.02 -7.11
O4 NAG R . 25.15 -18.40 -6.61
O5 NAG R . 22.71 -15.72 -6.30
O6 NAG R . 21.10 -17.83 -5.47
O7 NAG R . 26.40 -12.22 -9.13
#